data_7DEK
#
_entry.id   7DEK
#
_cell.length_a   77.073
_cell.length_b   94.223
_cell.length_c   117.437
_cell.angle_alpha   90.000
_cell.angle_beta   90.000
_cell.angle_gamma   90.000
#
_symmetry.space_group_name_H-M   'P 21 21 21'
#
loop_
_entity.id
_entity.type
_entity.pdbx_description
1 polymer 'Peptidyl-prolyl cis-trans isomerase'
2 water water
#
_entity_poly.entity_id   1
_entity_poly.type   'polypeptide(L)'
_entity_poly.pdbx_seq_one_letter_code
;QTNVELKTPAQKASYGIGLNMGKSLSQEGMDDLDSKAVAKGIEDALGKKKQQLTDEELTEAFAFLQKRAEERMAAIGDEN
AKAGKKFLEENGKRDGVTTTASGLQYEIVKKADGPQPKATDVVTVHYEGRLTDGTVFDSSIERGSPIDLPVSGVIPGWVE
ALQLMHVGEKIKLYIPSELAYGAQSPSPAIPANSVLVFDMELLGIKDP
;
_entity_poly.pdbx_strand_id   A,G,F,D
#
# COMPACT_ATOMS: atom_id res chain seq x y z
N ASN A 3 -22.73 -9.19 0.00
CA ASN A 3 -21.31 -9.51 0.27
C ASN A 3 -21.18 -11.00 0.54
N VAL A 4 -20.44 -11.40 1.58
CA VAL A 4 -20.24 -12.85 1.91
C VAL A 4 -20.65 -13.12 3.37
N GLU A 5 -21.25 -14.28 3.61
CA GLU A 5 -21.70 -14.64 4.98
C GLU A 5 -20.50 -14.61 5.93
N LEU A 6 -19.55 -15.53 5.72
CA LEU A 6 -18.38 -15.64 6.63
C LEU A 6 -18.85 -15.76 8.07
N LYS A 7 -19.99 -16.43 8.30
CA LYS A 7 -20.56 -16.56 9.67
C LYS A 7 -20.31 -17.97 10.22
N THR A 8 -20.65 -18.99 9.43
CA THR A 8 -20.49 -20.39 9.90
C THR A 8 -19.01 -20.62 10.20
N PRO A 9 -18.60 -21.37 11.25
CA PRO A 9 -17.18 -21.66 11.45
C PRO A 9 -16.67 -22.34 10.17
N ALA A 10 -17.56 -23.00 9.44
CA ALA A 10 -17.17 -23.61 8.14
C ALA A 10 -16.86 -22.48 7.16
N GLN A 11 -17.69 -21.44 7.16
CA GLN A 11 -17.50 -20.29 6.24
C GLN A 11 -16.18 -19.60 6.54
N LYS A 12 -15.92 -19.32 7.81
CA LYS A 12 -14.66 -18.67 8.21
C LYS A 12 -13.49 -19.49 7.65
N ALA A 13 -13.52 -20.81 7.86
CA ALA A 13 -12.42 -21.68 7.39
C ALA A 13 -12.34 -21.66 5.86
N SER A 14 -13.48 -21.87 5.17
CA SER A 14 -13.50 -21.89 3.69
C SER A 14 -12.90 -20.59 3.17
N TYR A 15 -13.20 -19.48 3.83
CA TYR A 15 -12.67 -18.15 3.42
C TYR A 15 -11.14 -18.24 3.35
N GLY A 16 -10.51 -18.64 4.45
CA GLY A 16 -9.04 -18.66 4.51
C GLY A 16 -8.42 -19.70 3.59
N ILE A 17 -9.16 -20.75 3.26
CA ILE A 17 -8.61 -21.70 2.26
C ILE A 17 -8.35 -20.89 1.00
N GLY A 18 -9.34 -20.11 0.57
CA GLY A 18 -9.18 -19.27 -0.63
C GLY A 18 -8.17 -18.16 -0.43
N LEU A 19 -8.22 -17.51 0.73
CA LEU A 19 -7.27 -16.40 1.03
C LEU A 19 -5.85 -16.94 0.82
N ASN A 20 -5.47 -17.96 1.60
CA ASN A 20 -4.09 -18.50 1.53
C ASN A 20 -3.83 -19.00 0.11
N MET A 21 -4.85 -19.59 -0.53
CA MET A 21 -4.69 -20.15 -1.89
C MET A 21 -4.33 -19.04 -2.87
N GLY A 22 -4.99 -17.89 -2.78
CA GLY A 22 -4.65 -16.75 -3.65
C GLY A 22 -3.22 -16.34 -3.47
N LYS A 23 -2.78 -16.20 -2.22
CA LYS A 23 -1.38 -15.80 -1.93
C LYS A 23 -0.42 -16.90 -2.39
N SER A 24 -0.75 -18.16 -2.12
CA SER A 24 0.12 -19.28 -2.54
C SER A 24 0.28 -19.28 -4.05
N LEU A 25 -0.84 -19.22 -4.78
CA LEU A 25 -0.78 -19.29 -6.26
C LEU A 25 -0.13 -18.02 -6.84
N SER A 26 -0.27 -16.89 -6.14
CA SER A 26 0.36 -15.63 -6.63
C SER A 26 1.87 -15.76 -6.54
N GLN A 27 2.36 -16.53 -5.56
CA GLN A 27 3.82 -16.78 -5.46
C GLN A 27 4.16 -18.02 -6.28
N GLU A 28 3.19 -18.55 -7.01
CA GLU A 28 3.45 -19.71 -7.91
C GLU A 28 3.35 -19.18 -9.35
N GLY A 29 3.37 -17.86 -9.51
CA GLY A 29 3.33 -17.26 -10.86
C GLY A 29 1.92 -17.12 -11.38
N MET A 30 0.93 -17.64 -10.65
CA MET A 30 -0.46 -17.61 -11.16
C MET A 30 -1.17 -16.33 -10.70
N ASP A 31 -0.96 -15.22 -11.40
CA ASP A 31 -1.69 -13.98 -11.04
C ASP A 31 -3.00 -13.96 -11.83
N ASP A 32 -3.11 -14.82 -12.85
CA ASP A 32 -4.29 -14.81 -13.75
C ASP A 32 -5.53 -15.43 -13.08
N LEU A 33 -5.36 -16.10 -11.94
CA LEU A 33 -6.50 -16.82 -11.30
C LEU A 33 -7.61 -15.83 -10.93
N ASP A 34 -8.86 -16.15 -11.26
CA ASP A 34 -10.00 -15.30 -10.81
C ASP A 34 -11.00 -16.18 -10.05
N SER A 35 -11.61 -15.64 -9.01
CA SER A 35 -12.56 -16.42 -8.17
C SER A 35 -13.79 -16.76 -9.01
N LYS A 36 -13.83 -16.30 -10.26
CA LYS A 36 -15.05 -16.53 -11.07
C LYS A 36 -15.29 -18.02 -11.19
N ALA A 37 -14.26 -18.79 -11.56
CA ALA A 37 -14.47 -20.23 -11.82
C ALA A 37 -14.07 -21.13 -10.65
N VAL A 38 -13.11 -20.71 -9.82
CA VAL A 38 -12.66 -21.62 -8.73
C VAL A 38 -13.81 -21.76 -7.75
N ALA A 39 -14.53 -20.66 -7.49
CA ALA A 39 -15.70 -20.72 -6.59
C ALA A 39 -16.80 -21.55 -7.28
N LYS A 40 -17.02 -21.30 -8.56
CA LYS A 40 -18.03 -22.10 -9.30
C LYS A 40 -17.67 -23.58 -9.11
N GLY A 41 -16.42 -23.96 -9.38
CA GLY A 41 -15.99 -25.37 -9.30
C GLY A 41 -16.43 -26.05 -8.03
N ILE A 42 -16.38 -25.33 -6.90
CA ILE A 42 -16.73 -25.96 -5.60
C ILE A 42 -18.20 -26.41 -5.64
N GLU A 43 -19.10 -25.51 -6.05
CA GLU A 43 -20.54 -25.87 -6.17
C GLU A 43 -20.71 -27.02 -7.16
N ASP A 44 -20.08 -26.92 -8.33
CA ASP A 44 -20.25 -27.97 -9.38
C ASP A 44 -19.84 -29.33 -8.82
N ALA A 45 -18.63 -29.43 -8.25
CA ALA A 45 -18.12 -30.73 -7.74
C ALA A 45 -19.01 -31.23 -6.60
N LEU A 46 -19.32 -30.36 -5.63
CA LEU A 46 -20.09 -30.80 -4.44
C LEU A 46 -21.49 -31.26 -4.86
N GLY A 47 -22.04 -30.67 -5.91
CA GLY A 47 -23.38 -31.08 -6.37
C GLY A 47 -23.29 -32.29 -7.28
N LYS A 48 -22.06 -32.78 -7.52
CA LYS A 48 -21.83 -33.91 -8.46
C LYS A 48 -22.37 -33.48 -9.84
N LYS A 49 -22.55 -32.17 -10.03
CA LYS A 49 -22.98 -31.66 -11.35
C LYS A 49 -21.90 -32.04 -12.38
N LYS A 50 -22.31 -32.25 -13.63
CA LYS A 50 -21.35 -32.69 -14.68
C LYS A 50 -20.21 -31.67 -14.82
N GLN A 51 -19.00 -32.16 -15.11
CA GLN A 51 -17.85 -31.25 -15.33
C GLN A 51 -18.16 -30.36 -16.53
N GLN A 52 -17.81 -29.07 -16.43
CA GLN A 52 -18.14 -28.12 -17.52
C GLN A 52 -17.03 -28.22 -18.57
N LEU A 53 -15.94 -28.91 -18.23
CA LEU A 53 -14.81 -29.05 -19.19
C LEU A 53 -14.28 -30.48 -19.14
N THR A 54 -13.94 -31.04 -20.30
CA THR A 54 -13.43 -32.44 -20.38
C THR A 54 -12.13 -32.52 -19.59
N ASP A 55 -11.97 -33.56 -18.77
CA ASP A 55 -10.75 -33.70 -17.93
C ASP A 55 -9.50 -33.60 -18.80
N GLU A 56 -9.57 -34.09 -20.04
CA GLU A 56 -8.38 -34.08 -20.93
C GLU A 56 -7.97 -32.63 -21.22
N GLU A 57 -8.93 -31.77 -21.53
CA GLU A 57 -8.60 -30.36 -21.88
C GLU A 57 -8.11 -29.67 -20.60
N LEU A 58 -8.67 -30.06 -19.46
CA LEU A 58 -8.30 -29.46 -18.16
C LEU A 58 -6.80 -29.65 -17.95
N THR A 59 -6.31 -30.89 -18.06
CA THR A 59 -4.88 -31.19 -17.80
C THR A 59 -4.00 -30.40 -18.75
N GLU A 60 -4.39 -30.30 -20.02
CA GLU A 60 -3.56 -29.57 -21.02
C GLU A 60 -3.41 -28.13 -20.58
N ALA A 61 -4.51 -27.51 -20.14
CA ALA A 61 -4.48 -26.08 -19.74
C ALA A 61 -3.59 -25.89 -18.51
N PHE A 62 -3.67 -26.82 -17.55
CA PHE A 62 -2.85 -26.70 -16.32
C PHE A 62 -1.39 -26.54 -16.75
N ALA A 63 -0.91 -27.45 -17.59
CA ALA A 63 0.51 -27.42 -18.04
C ALA A 63 0.76 -26.15 -18.86
N PHE A 64 -0.22 -25.73 -19.64
CA PHE A 64 -0.07 -24.49 -20.45
C PHE A 64 0.27 -23.34 -19.51
N LEU A 65 -0.53 -23.18 -18.45
CA LEU A 65 -0.31 -22.07 -17.50
C LEU A 65 0.98 -22.32 -16.70
N GLN A 66 1.39 -23.57 -16.56
CA GLN A 66 2.59 -23.85 -15.73
C GLN A 66 3.79 -23.15 -16.36
N LYS A 67 3.92 -23.26 -17.68
CA LYS A 67 5.09 -22.64 -18.36
C LYS A 67 4.93 -21.12 -18.31
N ARG A 68 3.70 -20.63 -18.46
CA ARG A 68 3.45 -19.16 -18.40
C ARG A 68 3.84 -18.66 -17.02
N ALA A 69 3.42 -19.37 -15.98
CA ALA A 69 3.69 -18.93 -14.60
C ALA A 69 5.19 -19.03 -14.29
N GLU A 70 5.88 -19.98 -14.91
CA GLU A 70 7.33 -20.18 -14.62
C GLU A 70 8.09 -18.89 -14.95
N GLU A 71 7.92 -18.39 -16.19
CA GLU A 71 8.62 -17.16 -16.60
C GLU A 71 8.12 -16.01 -15.75
N ARG A 72 6.83 -16.01 -15.41
CA ARG A 72 6.24 -14.90 -14.62
C ARG A 72 6.95 -14.84 -13.27
N MET A 73 7.27 -16.02 -12.70
CA MET A 73 7.91 -16.07 -11.36
C MET A 73 9.30 -15.44 -11.43
N ALA A 74 10.07 -15.79 -12.45
CA ALA A 74 11.45 -15.24 -12.59
C ALA A 74 11.39 -13.72 -12.58
N ALA A 75 10.50 -13.13 -13.38
CA ALA A 75 10.41 -11.66 -13.50
C ALA A 75 9.99 -11.04 -12.16
N ILE A 76 8.96 -11.59 -11.52
CA ILE A 76 8.46 -11.03 -10.24
C ILE A 76 9.62 -11.01 -9.25
N GLY A 77 10.39 -12.10 -9.20
CA GLY A 77 11.52 -12.19 -8.27
C GLY A 77 12.60 -11.16 -8.58
N ASP A 78 13.02 -11.06 -9.84
CA ASP A 78 14.09 -10.13 -10.21
C ASP A 78 13.65 -8.71 -9.88
N GLU A 79 12.38 -8.40 -10.13
CA GLU A 79 11.86 -7.04 -9.85
C GLU A 79 11.91 -6.79 -8.35
N ASN A 80 11.48 -7.76 -7.55
CA ASN A 80 11.50 -7.61 -6.07
C ASN A 80 12.95 -7.42 -5.61
N ALA A 81 13.89 -8.13 -6.22
CA ALA A 81 15.31 -8.04 -5.83
C ALA A 81 15.82 -6.62 -6.06
N LYS A 82 15.65 -6.11 -7.28
CA LYS A 82 16.14 -4.76 -7.63
C LYS A 82 15.50 -3.73 -6.71
N ALA A 83 14.19 -3.86 -6.48
CA ALA A 83 13.49 -2.93 -5.57
C ALA A 83 14.13 -3.03 -4.18
N GLY A 84 14.36 -4.24 -3.69
CA GLY A 84 14.93 -4.43 -2.35
C GLY A 84 16.32 -3.85 -2.23
N LYS A 85 17.18 -4.13 -3.20
CA LYS A 85 18.58 -3.63 -3.14
C LYS A 85 18.57 -2.10 -3.16
N LYS A 86 17.68 -1.52 -3.96
CA LYS A 86 17.56 -0.03 -4.03
C LYS A 86 17.06 0.48 -2.67
N PHE A 87 16.07 -0.19 -2.09
CA PHE A 87 15.55 0.22 -0.76
C PHE A 87 16.73 0.24 0.22
N LEU A 88 17.53 -0.82 0.21
CA LEU A 88 18.67 -0.92 1.16
C LEU A 88 19.61 0.28 0.95
N GLU A 89 20.04 0.51 -0.29
CA GLU A 89 20.96 1.64 -0.57
C GLU A 89 20.37 2.94 -0.02
N GLU A 90 19.13 3.25 -0.38
CA GLU A 90 18.49 4.52 0.06
C GLU A 90 18.39 4.56 1.59
N ASN A 91 18.00 3.44 2.21
CA ASN A 91 17.83 3.41 3.68
C ASN A 91 19.21 3.56 4.35
N GLY A 92 20.26 3.05 3.71
CA GLY A 92 21.62 3.17 4.25
C GLY A 92 22.08 4.62 4.25
N LYS A 93 21.59 5.41 3.31
CA LYS A 93 21.96 6.84 3.21
C LYS A 93 21.28 7.61 4.35
N ARG A 94 20.21 7.06 4.91
CA ARG A 94 19.44 7.77 5.95
C ARG A 94 20.30 7.94 7.21
N ASP A 95 20.02 8.97 8.01
CA ASP A 95 20.80 9.21 9.24
C ASP A 95 20.35 8.23 10.32
N GLY A 96 21.29 7.69 11.10
CA GLY A 96 20.93 6.80 12.22
C GLY A 96 20.94 5.35 11.80
N VAL A 97 21.19 5.09 10.52
CA VAL A 97 21.24 3.69 9.99
C VAL A 97 22.70 3.25 9.90
N THR A 98 23.07 2.22 10.67
CA THR A 98 24.46 1.70 10.64
C THR A 98 24.51 0.49 9.71
N THR A 99 25.27 0.58 8.61
CA THR A 99 25.40 -0.53 7.63
C THR A 99 26.57 -1.43 8.02
N THR A 100 26.32 -2.71 8.27
CA THR A 100 27.40 -3.64 8.71
C THR A 100 28.15 -4.19 7.50
N ALA A 101 29.16 -5.02 7.74
CA ALA A 101 30.00 -5.58 6.65
C ALA A 101 29.19 -6.60 5.83
N SER A 102 28.22 -7.25 6.47
CA SER A 102 27.36 -8.25 5.78
C SER A 102 26.33 -7.55 4.91
N GLY A 103 26.20 -6.24 5.02
CA GLY A 103 25.17 -5.51 4.27
C GLY A 103 23.98 -5.24 5.15
N LEU A 104 23.97 -5.82 6.35
CA LEU A 104 22.84 -5.63 7.29
C LEU A 104 22.80 -4.16 7.72
N GLN A 105 21.60 -3.59 7.81
CA GLN A 105 21.47 -2.21 8.30
C GLN A 105 20.67 -2.24 9.59
N TYR A 106 21.03 -1.43 10.58
CA TYR A 106 20.32 -1.45 11.88
C TYR A 106 20.15 -0.05 12.46
N GLU A 107 19.01 0.20 13.11
CA GLU A 107 18.72 1.53 13.69
C GLU A 107 18.29 1.33 15.15
N ILE A 108 19.19 1.58 16.12
CA ILE A 108 18.89 1.32 17.56
C ILE A 108 17.78 2.24 18.08
N VAL A 109 16.58 1.72 18.26
CA VAL A 109 15.43 2.53 18.77
C VAL A 109 15.64 2.80 20.27
N LYS A 110 15.90 1.75 21.06
CA LYS A 110 16.08 1.90 22.53
C LYS A 110 17.41 1.29 22.97
N LYS A 111 18.34 2.11 23.46
CA LYS A 111 19.70 1.64 23.85
C LYS A 111 19.70 0.93 25.20
N ALA A 112 20.71 0.09 25.47
CA ALA A 112 20.85 -0.59 26.77
C ALA A 112 22.29 -1.09 26.96
N ASP A 113 22.66 -1.44 28.19
CA ASP A 113 24.03 -1.95 28.49
C ASP A 113 23.90 -3.38 29.03
N GLY A 114 22.90 -4.12 28.57
CA GLY A 114 22.69 -5.50 29.05
C GLY A 114 23.75 -6.45 28.51
N PRO A 115 23.80 -7.74 28.91
CA PRO A 115 24.76 -8.68 28.31
C PRO A 115 24.46 -8.94 26.82
N GLN A 116 25.48 -9.36 26.08
CA GLN A 116 25.32 -9.61 24.63
C GLN A 116 25.05 -11.10 24.40
N PRO A 117 23.96 -11.49 23.68
CA PRO A 117 23.65 -12.90 23.46
C PRO A 117 24.73 -13.69 22.72
N LYS A 118 25.06 -14.88 23.23
CA LYS A 118 26.04 -15.74 22.53
C LYS A 118 25.31 -16.54 21.46
N ALA A 119 26.04 -17.21 20.57
CA ALA A 119 25.42 -18.02 19.50
C ALA A 119 24.76 -19.25 20.12
N THR A 120 25.18 -19.64 21.32
CA THR A 120 24.63 -20.88 21.96
C THR A 120 23.43 -20.51 22.84
N ASP A 121 23.20 -19.24 23.09
CA ASP A 121 22.12 -18.85 24.04
C ASP A 121 20.74 -18.87 23.38
N VAL A 122 19.68 -18.99 24.19
CA VAL A 122 18.29 -18.89 23.67
C VAL A 122 17.81 -17.51 24.12
N VAL A 123 17.08 -16.78 23.28
CA VAL A 123 16.75 -15.37 23.66
C VAL A 123 15.24 -15.12 23.65
N THR A 124 14.75 -14.35 24.63
CA THR A 124 13.32 -13.97 24.67
C THR A 124 13.18 -12.72 23.81
N VAL A 125 12.42 -12.80 22.71
CA VAL A 125 12.37 -11.63 21.78
C VAL A 125 10.92 -11.28 21.42
N HIS A 126 10.63 -9.98 21.33
CA HIS A 126 9.30 -9.53 20.87
C HIS A 126 9.56 -8.86 19.52
N TYR A 127 9.00 -9.38 18.44
CA TYR A 127 9.38 -8.82 17.12
C TYR A 127 8.18 -8.56 16.22
N GLU A 128 8.39 -7.82 15.14
CA GLU A 128 7.31 -7.51 14.18
C GLU A 128 7.91 -7.52 12.78
N GLY A 129 7.94 -8.69 12.13
CA GLY A 129 8.50 -8.79 10.77
C GLY A 129 7.57 -8.19 9.73
N ARG A 130 8.11 -7.36 8.84
CA ARG A 130 7.29 -6.71 7.79
C ARG A 130 8.07 -6.66 6.48
N LEU A 131 7.38 -6.64 5.34
CA LEU A 131 8.08 -6.52 4.05
C LEU A 131 8.29 -5.05 3.74
N THR A 132 8.93 -4.74 2.61
CA THR A 132 9.23 -3.33 2.24
C THR A 132 7.91 -2.57 2.06
N ASP A 133 6.88 -3.25 1.56
CA ASP A 133 5.54 -2.62 1.34
C ASP A 133 4.75 -2.56 2.65
N GLY A 134 5.35 -2.97 3.77
CA GLY A 134 4.67 -2.86 5.07
C GLY A 134 3.82 -4.06 5.38
N THR A 135 3.77 -5.04 4.46
CA THR A 135 3.00 -6.29 4.68
C THR A 135 3.69 -7.13 5.77
N VAL A 136 3.01 -7.33 6.90
CA VAL A 136 3.59 -8.13 8.02
C VAL A 136 3.49 -9.62 7.69
N PHE A 137 4.50 -10.40 8.07
CA PHE A 137 4.48 -11.87 7.83
C PHE A 137 4.51 -12.60 9.18
N ASP A 138 5.36 -12.17 10.11
CA ASP A 138 5.44 -12.81 11.45
C ASP A 138 5.61 -11.76 12.54
N SER A 139 4.61 -11.63 13.41
CA SER A 139 4.68 -10.62 14.48
C SER A 139 4.42 -11.27 15.84
N SER A 140 5.43 -11.30 16.70
CA SER A 140 5.24 -11.83 18.07
C SER A 140 4.27 -10.87 18.76
N ILE A 141 4.26 -9.62 18.30
CA ILE A 141 3.38 -8.58 18.93
C ILE A 141 1.93 -8.87 18.57
N GLU A 142 1.66 -9.19 17.30
CA GLU A 142 0.27 -9.51 16.86
C GLU A 142 -0.19 -10.81 17.53
N ARG A 143 0.73 -11.75 17.75
CA ARG A 143 0.37 -12.99 18.49
C ARG A 143 0.15 -12.61 19.95
N GLY A 144 0.68 -11.46 20.37
CA GLY A 144 0.43 -10.98 21.74
C GLY A 144 1.48 -11.43 22.74
N SER A 145 2.28 -12.43 22.38
CA SER A 145 3.23 -12.97 23.39
C SER A 145 4.65 -13.04 22.87
N PRO A 146 5.71 -12.70 23.66
CA PRO A 146 7.09 -12.88 23.21
C PRO A 146 7.43 -14.36 23.06
N ILE A 147 8.41 -14.68 22.22
CA ILE A 147 8.77 -16.10 21.98
C ILE A 147 10.25 -16.31 22.31
N ASP A 148 10.60 -17.43 22.94
CA ASP A 148 12.02 -17.74 23.21
C ASP A 148 12.57 -18.48 21.99
N LEU A 149 13.55 -17.90 21.30
CA LEU A 149 14.07 -18.50 20.04
C LEU A 149 15.56 -18.77 20.17
N PRO A 150 16.12 -19.87 19.61
CA PRO A 150 17.57 -20.09 19.65
C PRO A 150 18.32 -19.23 18.62
N VAL A 151 19.49 -18.72 18.99
CA VAL A 151 20.29 -17.87 18.06
C VAL A 151 20.73 -18.73 16.87
N SER A 152 21.07 -20.00 17.12
CA SER A 152 21.50 -20.91 16.03
C SER A 152 20.35 -21.16 15.05
N GLY A 153 19.13 -21.34 15.55
CA GLY A 153 17.95 -21.62 14.71
C GLY A 153 17.55 -20.49 13.78
N VAL A 154 17.69 -19.23 14.21
CA VAL A 154 17.18 -18.08 13.41
C VAL A 154 17.98 -17.81 12.13
N ILE A 155 17.47 -16.92 11.27
CA ILE A 155 18.09 -16.60 9.96
C ILE A 155 19.42 -15.92 10.20
N PRO A 156 20.42 -15.95 9.27
CA PRO A 156 21.74 -15.38 9.54
C PRO A 156 21.70 -13.89 9.90
N GLY A 157 20.74 -13.15 9.35
CA GLY A 157 20.60 -11.73 9.70
C GLY A 157 20.30 -11.56 11.17
N TRP A 158 19.37 -12.36 11.71
CA TRP A 158 19.04 -12.32 13.15
C TRP A 158 20.24 -12.75 13.97
N VAL A 159 20.95 -13.78 13.52
CA VAL A 159 22.10 -14.30 14.30
C VAL A 159 23.05 -13.12 14.54
N GLU A 160 23.46 -12.44 13.47
CA GLU A 160 24.45 -11.34 13.58
C GLU A 160 23.87 -10.21 14.43
N ALA A 161 22.65 -9.78 14.12
CA ALA A 161 22.04 -8.63 14.81
C ALA A 161 21.95 -8.89 16.32
N LEU A 162 21.45 -10.05 16.70
CA LEU A 162 21.23 -10.35 18.14
C LEU A 162 22.55 -10.28 18.92
N GLN A 163 23.64 -10.75 18.33
CA GLN A 163 24.96 -10.74 19.03
C GLN A 163 25.39 -9.29 19.27
N LEU A 164 25.05 -8.37 18.37
CA LEU A 164 25.41 -6.93 18.53
C LEU A 164 24.48 -6.29 19.56
N MET A 165 23.29 -6.85 19.77
CA MET A 165 22.30 -6.24 20.68
C MET A 165 22.66 -6.49 22.15
N HIS A 166 21.96 -5.85 23.06
CA HIS A 166 22.20 -6.04 24.52
C HIS A 166 20.84 -6.30 25.16
N VAL A 167 20.80 -6.92 26.34
CA VAL A 167 19.47 -7.26 26.91
C VAL A 167 18.73 -5.96 27.19
N GLY A 168 17.50 -5.83 26.70
CA GLY A 168 16.70 -4.60 26.90
C GLY A 168 16.74 -3.72 25.66
N GLU A 169 17.69 -3.97 24.77
CA GLU A 169 17.85 -3.09 23.58
C GLU A 169 16.72 -3.33 22.57
N LYS A 170 16.21 -2.26 21.97
CA LYS A 170 15.18 -2.40 20.91
C LYS A 170 15.79 -1.80 19.63
N ILE A 171 15.79 -2.55 18.53
CA ILE A 171 16.43 -2.06 17.28
C ILE A 171 15.48 -2.28 16.10
N LYS A 172 15.80 -1.67 14.96
CA LYS A 172 15.03 -1.92 13.72
C LYS A 172 15.98 -2.65 12.78
N LEU A 173 15.53 -3.72 12.14
CA LEU A 173 16.43 -4.53 11.29
C LEU A 173 16.05 -4.35 9.82
N TYR A 174 17.04 -4.30 8.95
CA TYR A 174 16.81 -4.21 7.49
C TYR A 174 17.65 -5.35 6.91
N ILE A 175 17.13 -6.58 6.98
CA ILE A 175 17.91 -7.77 6.56
C ILE A 175 17.85 -7.96 5.05
N PRO A 176 18.98 -7.85 4.30
CA PRO A 176 18.96 -8.11 2.86
C PRO A 176 18.50 -9.54 2.57
N SER A 177 18.01 -9.76 1.34
CA SER A 177 17.51 -11.11 0.94
C SER A 177 18.61 -12.15 1.13
N GLU A 178 19.86 -11.77 0.89
CA GLU A 178 20.97 -12.73 0.99
C GLU A 178 21.08 -13.25 2.42
N LEU A 179 20.87 -12.38 3.41
CA LEU A 179 21.04 -12.79 4.83
C LEU A 179 19.70 -13.30 5.36
N ALA A 180 18.71 -13.49 4.48
CA ALA A 180 17.40 -14.01 4.88
C ALA A 180 17.08 -15.23 4.01
N TYR A 181 15.84 -15.35 3.55
CA TYR A 181 15.40 -16.56 2.81
C TYR A 181 15.95 -16.55 1.37
N GLY A 182 15.99 -15.38 0.73
CA GLY A 182 16.60 -15.28 -0.61
C GLY A 182 15.64 -15.61 -1.72
N ALA A 183 16.17 -16.09 -2.85
CA ALA A 183 15.34 -16.46 -4.01
C ALA A 183 14.40 -17.60 -3.61
N GLN A 184 14.87 -18.52 -2.79
CA GLN A 184 13.94 -19.56 -2.28
C GLN A 184 12.92 -18.85 -1.41
N SER A 185 11.63 -19.12 -1.64
CA SER A 185 10.55 -18.49 -0.84
C SER A 185 9.81 -19.59 -0.07
N PRO A 186 10.30 -20.09 1.09
CA PRO A 186 9.64 -21.22 1.75
C PRO A 186 8.24 -20.84 2.24
N SER A 187 7.99 -19.55 2.47
CA SER A 187 6.67 -19.10 2.98
C SER A 187 5.97 -18.29 1.89
N PRO A 188 4.62 -18.41 1.67
CA PRO A 188 3.98 -17.58 0.66
C PRO A 188 4.01 -16.10 1.02
N ALA A 189 4.00 -15.80 2.32
CA ALA A 189 3.95 -14.38 2.77
C ALA A 189 5.26 -13.68 2.40
N ILE A 190 6.35 -14.43 2.30
CA ILE A 190 7.68 -13.84 1.96
C ILE A 190 8.01 -14.21 0.52
N PRO A 191 7.91 -13.28 -0.47
CA PRO A 191 8.23 -13.59 -1.86
C PRO A 191 9.74 -13.80 -2.11
N ALA A 192 10.10 -14.12 -3.35
CA ALA A 192 11.51 -14.42 -3.67
C ALA A 192 12.33 -13.14 -3.67
N ASN A 193 13.60 -13.23 -3.28
CA ASN A 193 14.51 -12.05 -3.29
C ASN A 193 13.80 -10.89 -2.56
N SER A 194 13.41 -11.10 -1.30
CA SER A 194 12.66 -10.06 -0.56
C SER A 194 13.41 -9.61 0.69
N VAL A 195 13.67 -8.31 0.83
CA VAL A 195 14.37 -7.75 2.03
C VAL A 195 13.36 -7.73 3.18
N LEU A 196 13.79 -8.12 4.38
CA LEU A 196 12.86 -8.21 5.53
C LEU A 196 13.10 -7.02 6.47
N VAL A 197 12.03 -6.40 6.96
CA VAL A 197 12.15 -5.28 7.94
C VAL A 197 11.60 -5.79 9.28
N PHE A 198 12.36 -5.66 10.36
CA PHE A 198 11.91 -6.24 11.65
C PHE A 198 12.05 -5.24 12.79
N ASP A 199 10.98 -5.05 13.58
CA ASP A 199 11.09 -4.20 14.79
C ASP A 199 11.32 -5.19 15.94
N MET A 200 12.55 -5.29 16.45
CA MET A 200 12.86 -6.33 17.47
C MET A 200 13.28 -5.75 18.80
N GLU A 201 12.84 -6.36 19.89
CA GLU A 201 13.27 -5.95 21.25
C GLU A 201 13.80 -7.21 21.93
N LEU A 202 15.00 -7.15 22.51
CA LEU A 202 15.57 -8.32 23.22
C LEU A 202 15.13 -8.28 24.68
N LEU A 203 14.06 -8.99 25.02
CA LEU A 203 13.54 -8.95 26.41
C LEU A 203 14.56 -9.57 27.37
N GLY A 204 15.13 -10.73 27.01
CA GLY A 204 16.18 -11.29 27.87
C GLY A 204 16.86 -12.52 27.29
N ILE A 205 17.76 -13.13 28.06
CA ILE A 205 18.47 -14.37 27.61
C ILE A 205 18.08 -15.51 28.57
N LYS A 206 17.67 -16.66 28.03
CA LYS A 206 17.23 -17.81 28.87
C LYS A 206 18.44 -18.51 29.49
N GLU B 5 -18.21 -17.71 -15.79
CA GLU B 5 -17.50 -17.35 -17.04
C GLU B 5 -16.24 -18.22 -17.17
N LEU B 6 -16.27 -19.22 -18.04
CA LEU B 6 -15.11 -20.14 -18.21
C LEU B 6 -14.34 -19.80 -19.48
N LYS B 7 -14.62 -18.66 -20.11
CA LYS B 7 -13.99 -18.35 -21.43
C LYS B 7 -12.46 -18.27 -21.31
N THR B 8 -11.94 -17.62 -20.26
CA THR B 8 -10.47 -17.41 -20.16
C THR B 8 -9.75 -18.75 -19.99
N PRO B 9 -8.59 -19.04 -20.66
CA PRO B 9 -7.87 -20.29 -20.39
C PRO B 9 -7.41 -20.24 -18.94
N ALA B 10 -7.21 -19.04 -18.41
CA ALA B 10 -6.85 -18.91 -16.97
C ALA B 10 -8.03 -19.46 -16.16
N GLN B 11 -9.25 -19.09 -16.56
CA GLN B 11 -10.45 -19.57 -15.83
C GLN B 11 -10.65 -21.06 -16.10
N LYS B 12 -10.14 -21.56 -17.22
CA LYS B 12 -10.22 -23.04 -17.41
C LYS B 12 -9.50 -23.67 -16.23
N ALA B 13 -8.28 -23.20 -15.96
CA ALA B 13 -7.48 -23.75 -14.84
C ALA B 13 -8.17 -23.40 -13.53
N SER B 14 -8.66 -22.17 -13.42
CA SER B 14 -9.33 -21.73 -12.17
C SER B 14 -10.43 -22.74 -11.84
N TYR B 15 -11.26 -23.08 -12.83
CA TYR B 15 -12.37 -24.03 -12.60
C TYR B 15 -11.81 -25.36 -12.13
N GLY B 16 -10.81 -25.88 -12.85
CA GLY B 16 -10.19 -27.17 -12.49
C GLY B 16 -9.65 -27.13 -11.08
N ILE B 17 -8.98 -26.05 -10.70
CA ILE B 17 -8.37 -25.95 -9.34
C ILE B 17 -9.51 -26.09 -8.32
N GLY B 18 -10.58 -25.32 -8.49
CA GLY B 18 -11.74 -25.43 -7.60
C GLY B 18 -12.37 -26.81 -7.71
N LEU B 19 -12.46 -27.35 -8.92
CA LEU B 19 -13.04 -28.69 -9.13
C LEU B 19 -12.24 -29.71 -8.32
N ASN B 20 -10.95 -29.85 -8.62
CA ASN B 20 -10.12 -30.86 -7.93
C ASN B 20 -10.16 -30.61 -6.41
N MET B 21 -9.89 -29.37 -6.00
CA MET B 21 -9.85 -29.04 -4.55
C MET B 21 -11.19 -29.41 -3.92
N GLY B 22 -12.30 -29.03 -4.57
CA GLY B 22 -13.64 -29.34 -4.02
C GLY B 22 -13.79 -30.83 -3.79
N LYS B 23 -13.46 -31.65 -4.78
CA LYS B 23 -13.59 -33.12 -4.66
C LYS B 23 -12.69 -33.59 -3.52
N SER B 24 -11.43 -33.14 -3.50
CA SER B 24 -10.48 -33.58 -2.45
C SER B 24 -11.04 -33.25 -1.06
N LEU B 25 -11.39 -31.99 -0.82
CA LEU B 25 -11.86 -31.56 0.53
C LEU B 25 -13.16 -32.28 0.90
N SER B 26 -14.03 -32.52 -0.08
CA SER B 26 -15.36 -33.14 0.22
C SER B 26 -15.13 -34.50 0.87
N GLN B 27 -14.19 -35.28 0.33
CA GLN B 27 -13.94 -36.65 0.83
C GLN B 27 -13.42 -36.59 2.28
N GLU B 28 -12.76 -35.49 2.63
CA GLU B 28 -12.19 -35.33 4.00
C GLU B 28 -13.31 -34.98 4.98
N GLY B 29 -14.57 -35.12 4.57
CA GLY B 29 -15.71 -34.87 5.48
C GLY B 29 -16.07 -33.40 5.55
N MET B 30 -15.40 -32.56 4.75
CA MET B 30 -15.72 -31.12 4.72
C MET B 30 -16.91 -30.91 3.79
N ASP B 31 -18.07 -31.50 4.12
CA ASP B 31 -19.29 -31.31 3.32
C ASP B 31 -19.68 -29.83 3.41
N ASP B 32 -19.36 -29.21 4.55
CA ASP B 32 -19.74 -27.79 4.81
C ASP B 32 -18.74 -26.84 4.14
N LEU B 33 -18.58 -26.94 2.82
CA LEU B 33 -17.67 -26.00 2.11
C LEU B 33 -18.53 -25.10 1.22
N ASP B 34 -18.64 -23.83 1.59
CA ASP B 34 -19.41 -22.88 0.73
C ASP B 34 -18.43 -22.14 -0.18
N SER B 35 -18.67 -22.23 -1.48
CA SER B 35 -17.79 -21.57 -2.47
C SER B 35 -17.78 -20.07 -2.24
N LYS B 36 -18.87 -19.53 -1.68
CA LYS B 36 -18.96 -18.07 -1.51
C LYS B 36 -17.82 -17.56 -0.64
N ALA B 37 -17.61 -18.18 0.52
CA ALA B 37 -16.55 -17.72 1.44
C ALA B 37 -15.20 -17.76 0.72
N VAL B 38 -14.89 -18.88 0.09
CA VAL B 38 -13.58 -19.03 -0.59
C VAL B 38 -13.49 -17.99 -1.70
N ALA B 39 -14.60 -17.71 -2.39
CA ALA B 39 -14.57 -16.75 -3.53
C ALA B 39 -13.96 -15.43 -3.07
N LYS B 40 -14.64 -14.75 -2.14
CA LYS B 40 -14.18 -13.42 -1.69
C LYS B 40 -12.80 -13.56 -1.04
N GLY B 41 -12.58 -14.65 -0.32
CA GLY B 41 -11.28 -14.89 0.33
C GLY B 41 -10.15 -14.76 -0.68
N ILE B 42 -10.29 -15.45 -1.81
CA ILE B 42 -9.27 -15.35 -2.89
C ILE B 42 -9.21 -13.90 -3.34
N GLU B 43 -10.36 -13.29 -3.60
CA GLU B 43 -10.40 -11.89 -4.11
C GLU B 43 -9.62 -10.97 -3.17
N ASP B 44 -9.84 -11.12 -1.86
CA ASP B 44 -9.14 -10.25 -0.88
C ASP B 44 -7.63 -10.47 -1.05
N ALA B 45 -7.20 -11.72 -1.17
CA ALA B 45 -5.77 -12.03 -1.35
C ALA B 45 -5.28 -11.48 -2.69
N LEU B 46 -6.10 -11.57 -3.73
CA LEU B 46 -5.68 -11.12 -5.09
C LEU B 46 -5.48 -9.60 -5.09
N GLY B 47 -6.36 -8.84 -4.42
CA GLY B 47 -6.28 -7.37 -4.48
C GLY B 47 -5.44 -6.79 -3.36
N LYS B 48 -4.74 -7.64 -2.61
CA LYS B 48 -3.98 -7.17 -1.42
C LYS B 48 -4.96 -6.48 -0.47
N LYS B 49 -6.24 -6.84 -0.55
CA LYS B 49 -7.27 -6.27 0.36
C LYS B 49 -7.07 -6.83 1.78
N LYS B 50 -7.67 -6.18 2.78
CA LYS B 50 -7.47 -6.60 4.18
C LYS B 50 -8.13 -7.97 4.37
N GLN B 51 -7.62 -8.76 5.33
CA GLN B 51 -8.27 -10.05 5.63
C GLN B 51 -9.55 -9.74 6.41
N GLN B 52 -10.71 -10.13 5.88
CA GLN B 52 -11.99 -9.91 6.61
C GLN B 52 -11.92 -10.67 7.94
N LEU B 53 -11.09 -11.72 8.01
CA LEU B 53 -10.90 -12.49 9.26
C LEU B 53 -9.40 -12.72 9.48
N THR B 54 -8.88 -12.36 10.65
CA THR B 54 -7.40 -12.47 10.87
C THR B 54 -6.99 -13.92 11.06
N ASP B 55 -5.69 -14.19 11.05
CA ASP B 55 -5.17 -15.58 11.15
C ASP B 55 -5.69 -16.23 12.44
N GLU B 56 -5.91 -15.43 13.48
CA GLU B 56 -6.34 -16.02 14.78
C GLU B 56 -7.69 -16.71 14.59
N GLU B 57 -8.65 -16.02 13.98
CA GLU B 57 -9.99 -16.62 13.75
C GLU B 57 -9.86 -17.79 12.80
N LEU B 58 -9.03 -17.66 11.77
CA LEU B 58 -8.87 -18.74 10.77
C LEU B 58 -8.28 -19.99 11.45
N THR B 59 -7.30 -19.81 12.33
CA THR B 59 -6.66 -20.95 13.02
C THR B 59 -7.71 -21.72 13.81
N GLU B 60 -8.53 -21.01 14.58
CA GLU B 60 -9.58 -21.65 15.42
C GLU B 60 -10.53 -22.44 14.52
N ALA B 61 -11.04 -21.81 13.46
CA ALA B 61 -12.04 -22.48 12.59
C ALA B 61 -11.46 -23.75 11.98
N PHE B 62 -10.20 -23.70 11.54
CA PHE B 62 -9.59 -24.88 10.88
C PHE B 62 -9.62 -26.07 11.85
N ALA B 63 -9.20 -25.84 13.10
CA ALA B 63 -9.13 -26.94 14.09
C ALA B 63 -10.54 -27.50 14.32
N PHE B 64 -11.54 -26.63 14.39
CA PHE B 64 -12.94 -27.07 14.59
C PHE B 64 -13.31 -28.01 13.45
N LEU B 65 -13.03 -27.59 12.21
CA LEU B 65 -13.40 -28.42 11.03
C LEU B 65 -12.68 -29.76 11.13
N GLN B 66 -11.43 -29.76 11.57
CA GLN B 66 -10.64 -31.00 11.65
C GLN B 66 -11.29 -31.93 12.68
N LYS B 67 -11.57 -31.41 13.87
CA LYS B 67 -12.15 -32.24 14.95
C LYS B 67 -13.53 -32.75 14.50
N ARG B 68 -14.33 -31.89 13.89
CA ARG B 68 -15.68 -32.30 13.43
C ARG B 68 -15.53 -33.45 12.44
N ALA B 69 -14.60 -33.32 11.50
CA ALA B 69 -14.38 -34.37 10.49
C ALA B 69 -13.90 -35.65 11.17
N GLU B 70 -13.00 -35.53 12.14
CA GLU B 70 -12.48 -36.71 12.87
C GLU B 70 -13.64 -37.40 13.58
N GLU B 71 -14.52 -36.63 14.21
CA GLU B 71 -15.62 -37.25 15.00
C GLU B 71 -16.68 -37.82 14.05
N ARG B 72 -16.80 -37.25 12.84
CA ARG B 72 -17.73 -37.84 11.85
C ARG B 72 -17.19 -39.22 11.48
N MET B 73 -15.88 -39.31 11.25
CA MET B 73 -15.26 -40.60 10.86
C MET B 73 -15.37 -41.60 12.01
N ALA B 74 -15.27 -41.10 13.25
CA ALA B 74 -15.39 -41.98 14.43
C ALA B 74 -16.80 -42.57 14.45
N ALA B 75 -17.82 -41.73 14.26
CA ALA B 75 -19.22 -42.20 14.30
C ALA B 75 -19.46 -43.18 13.15
N ILE B 76 -18.89 -42.92 11.98
CA ILE B 76 -19.12 -43.80 10.80
C ILE B 76 -18.68 -45.22 11.18
N GLY B 77 -17.45 -45.37 11.65
CA GLY B 77 -16.93 -46.71 11.98
C GLY B 77 -17.68 -47.32 13.15
N ASP B 78 -18.07 -46.49 14.12
CA ASP B 78 -18.78 -47.00 15.32
C ASP B 78 -20.16 -47.51 14.90
N GLU B 79 -20.86 -46.76 14.05
CA GLU B 79 -22.17 -47.21 13.54
C GLU B 79 -21.99 -48.45 12.66
N ASN B 80 -20.93 -48.47 11.85
CA ASN B 80 -20.65 -49.65 10.99
C ASN B 80 -20.42 -50.88 11.85
N ALA B 81 -19.69 -50.71 12.96
CA ALA B 81 -19.42 -51.85 13.87
C ALA B 81 -20.75 -52.43 14.33
N LYS B 82 -21.64 -51.57 14.82
CA LYS B 82 -22.94 -52.05 15.34
C LYS B 82 -23.75 -52.69 14.20
N ALA B 83 -23.69 -52.12 13.00
CA ALA B 83 -24.44 -52.67 11.85
C ALA B 83 -23.92 -54.06 11.51
N GLY B 84 -22.60 -54.22 11.47
CA GLY B 84 -22.00 -55.53 11.13
C GLY B 84 -22.26 -56.57 12.19
N LYS B 85 -22.21 -56.17 13.46
CA LYS B 85 -22.54 -57.12 14.55
C LYS B 85 -23.95 -57.62 14.34
N LYS B 86 -24.88 -56.71 14.03
CA LYS B 86 -26.31 -57.09 13.81
C LYS B 86 -26.42 -58.05 12.63
N PHE B 87 -25.77 -57.74 11.50
CA PHE B 87 -25.91 -58.59 10.30
C PHE B 87 -25.50 -60.00 10.67
N LEU B 88 -24.36 -60.15 11.32
CA LEU B 88 -23.84 -61.51 11.66
C LEU B 88 -24.78 -62.19 12.65
N GLU B 89 -25.31 -61.45 13.62
CA GLU B 89 -26.22 -62.06 14.63
C GLU B 89 -27.37 -62.73 13.88
N GLU B 90 -28.08 -61.97 13.05
CA GLU B 90 -29.25 -62.51 12.30
C GLU B 90 -28.80 -63.60 11.33
N ASN B 91 -27.69 -63.40 10.61
CA ASN B 91 -27.23 -64.37 9.59
C ASN B 91 -26.84 -65.69 10.26
N GLY B 92 -26.33 -65.63 11.48
CA GLY B 92 -25.90 -66.84 12.20
C GLY B 92 -27.07 -67.72 12.54
N LYS B 93 -28.20 -67.10 12.90
CA LYS B 93 -29.42 -67.87 13.28
C LYS B 93 -30.01 -68.51 12.02
N ARG B 94 -29.62 -68.00 10.84
CA ARG B 94 -30.22 -68.51 9.58
C ARG B 94 -29.88 -69.98 9.37
N ASP B 95 -30.84 -70.74 8.84
CA ASP B 95 -30.59 -72.18 8.54
C ASP B 95 -29.70 -72.23 7.30
N GLY B 96 -28.70 -73.11 7.31
CA GLY B 96 -27.78 -73.22 6.16
C GLY B 96 -26.49 -72.45 6.39
N VAL B 97 -26.44 -71.64 7.44
CA VAL B 97 -25.20 -70.89 7.78
C VAL B 97 -24.54 -71.54 9.00
N THR B 98 -23.26 -71.90 8.88
CA THR B 98 -22.50 -72.50 10.00
C THR B 98 -21.59 -71.43 10.60
N THR B 99 -21.70 -71.19 11.91
CA THR B 99 -20.81 -70.21 12.60
C THR B 99 -19.64 -70.97 13.24
N THR B 100 -18.41 -70.61 12.89
CA THR B 100 -17.22 -71.30 13.44
C THR B 100 -16.90 -70.72 14.82
N ALA B 101 -15.89 -71.27 15.49
CA ALA B 101 -15.52 -70.81 16.85
C ALA B 101 -14.95 -69.39 16.78
N SER B 102 -14.33 -69.05 15.64
CA SER B 102 -13.74 -67.71 15.45
C SER B 102 -14.84 -66.70 15.15
N GLY B 103 -16.04 -67.17 14.85
CA GLY B 103 -17.15 -66.26 14.51
C GLY B 103 -17.36 -66.19 13.02
N LEU B 104 -16.49 -66.85 12.25
CA LEU B 104 -16.63 -66.89 10.78
C LEU B 104 -17.93 -67.63 10.44
N GLN B 105 -18.73 -67.08 9.53
CA GLN B 105 -20.00 -67.73 9.14
C GLN B 105 -19.89 -68.16 7.67
N TYR B 106 -20.23 -69.41 7.36
CA TYR B 106 -20.08 -69.92 5.97
C TYR B 106 -21.33 -70.69 5.52
N GLU B 107 -21.69 -70.54 4.24
CA GLU B 107 -22.88 -71.21 3.67
C GLU B 107 -22.44 -71.94 2.41
N ILE B 108 -22.44 -73.29 2.41
CA ILE B 108 -21.90 -74.09 1.26
C ILE B 108 -22.83 -74.07 0.04
N VAL B 109 -22.43 -73.41 -1.04
CA VAL B 109 -23.24 -73.41 -2.30
C VAL B 109 -23.03 -74.74 -3.02
N LYS B 110 -21.78 -75.13 -3.27
CA LYS B 110 -21.47 -76.42 -3.94
C LYS B 110 -20.55 -77.24 -3.03
N LYS B 111 -20.84 -78.52 -2.86
CA LYS B 111 -20.02 -79.38 -1.96
C LYS B 111 -19.16 -80.31 -2.79
N ALA B 112 -18.01 -80.73 -2.25
CA ALA B 112 -17.08 -81.62 -2.98
C ALA B 112 -16.27 -82.44 -1.98
N ASP B 113 -15.67 -83.54 -2.45
CA ASP B 113 -14.83 -84.40 -1.57
C ASP B 113 -13.36 -84.26 -2.00
N GLY B 114 -13.01 -83.12 -2.59
CA GLY B 114 -11.61 -82.88 -3.01
C GLY B 114 -10.69 -82.77 -1.82
N PRO B 115 -9.34 -82.70 -1.97
CA PRO B 115 -8.47 -82.53 -0.81
C PRO B 115 -8.64 -81.16 -0.13
N GLN B 116 -8.29 -81.07 1.15
CA GLN B 116 -8.39 -79.79 1.91
C GLN B 116 -7.02 -79.11 1.89
N PRO B 117 -6.88 -77.82 1.52
CA PRO B 117 -5.59 -77.14 1.57
C PRO B 117 -4.93 -77.01 2.95
N LYS B 118 -3.64 -76.71 2.96
CA LYS B 118 -2.90 -76.54 4.25
C LYS B 118 -2.25 -75.15 4.22
N ALA B 119 -1.63 -74.73 5.33
CA ALA B 119 -1.08 -73.36 5.41
C ALA B 119 0.09 -73.19 4.44
N THR B 120 0.74 -74.29 4.08
CA THR B 120 1.95 -74.22 3.21
C THR B 120 1.51 -74.53 1.77
N ASP B 121 0.26 -74.21 1.43
CA ASP B 121 -0.25 -74.52 0.07
C ASP B 121 -0.64 -73.22 -0.65
N VAL B 122 -0.56 -73.21 -1.99
CA VAL B 122 -1.05 -72.04 -2.77
C VAL B 122 -2.34 -72.50 -3.44
N VAL B 123 -3.38 -71.68 -3.44
CA VAL B 123 -4.69 -72.15 -3.97
C VAL B 123 -5.17 -71.22 -5.07
N THR B 124 -5.70 -71.77 -6.17
CA THR B 124 -6.29 -70.94 -7.24
C THR B 124 -7.76 -70.73 -6.86
N VAL B 125 -8.18 -69.49 -6.66
CA VAL B 125 -9.56 -69.24 -6.17
C VAL B 125 -10.22 -68.15 -7.00
N HIS B 126 -11.56 -68.17 -7.08
CA HIS B 126 -12.31 -67.10 -7.77
C HIS B 126 -13.17 -66.44 -6.71
N TYR B 127 -13.11 -65.13 -6.55
CA TYR B 127 -13.85 -64.52 -5.43
C TYR B 127 -14.52 -63.21 -5.80
N GLU B 128 -15.54 -62.82 -5.03
CA GLU B 128 -16.22 -61.52 -5.25
C GLU B 128 -16.50 -60.91 -3.88
N GLY B 129 -15.67 -59.96 -3.44
CA GLY B 129 -15.87 -59.31 -2.14
C GLY B 129 -17.00 -58.30 -2.17
N ARG B 130 -17.89 -58.33 -1.19
CA ARG B 130 -19.03 -57.39 -1.13
C ARG B 130 -19.13 -56.84 0.29
N LEU B 131 -20.05 -55.91 0.52
CA LEU B 131 -20.24 -55.34 1.87
C LEU B 131 -21.66 -55.69 2.34
N THR B 132 -22.00 -55.34 3.57
CA THR B 132 -23.37 -55.61 4.11
C THR B 132 -24.36 -54.80 3.27
N ASP B 133 -23.97 -53.61 2.82
CA ASP B 133 -24.84 -52.78 1.94
C ASP B 133 -24.74 -53.28 0.50
N GLY B 134 -23.91 -54.29 0.25
CA GLY B 134 -23.86 -54.91 -1.08
C GLY B 134 -22.88 -54.26 -2.04
N THR B 135 -22.22 -53.18 -1.61
CA THR B 135 -21.23 -52.49 -2.48
C THR B 135 -20.04 -53.43 -2.74
N VAL B 136 -19.82 -53.80 -4.00
CA VAL B 136 -18.71 -54.72 -4.38
C VAL B 136 -17.38 -53.95 -4.32
N PHE B 137 -16.40 -54.46 -3.59
CA PHE B 137 -15.06 -53.80 -3.54
C PHE B 137 -14.07 -54.50 -4.49
N ASP B 138 -13.67 -55.74 -4.17
CA ASP B 138 -12.65 -56.43 -5.00
C ASP B 138 -13.21 -57.76 -5.50
N SER B 139 -13.23 -57.94 -6.83
CA SER B 139 -13.85 -59.15 -7.42
C SER B 139 -12.96 -59.80 -8.47
N SER B 140 -12.47 -61.02 -8.21
CA SER B 140 -11.67 -61.76 -9.21
C SER B 140 -12.56 -62.05 -10.41
N ILE B 141 -13.85 -62.29 -10.18
CA ILE B 141 -14.80 -62.61 -11.28
C ILE B 141 -14.99 -61.36 -12.14
N GLU B 142 -14.99 -60.17 -11.53
CA GLU B 142 -15.13 -58.90 -12.28
C GLU B 142 -13.86 -58.70 -13.11
N ARG B 143 -12.70 -59.06 -12.56
CA ARG B 143 -11.42 -58.95 -13.31
C ARG B 143 -11.32 -60.08 -14.34
N GLY B 144 -12.15 -61.13 -14.21
CA GLY B 144 -12.19 -62.18 -15.24
C GLY B 144 -11.14 -63.26 -15.10
N SER B 145 -10.17 -63.11 -14.20
CA SER B 145 -9.08 -64.11 -14.14
C SER B 145 -9.01 -64.78 -12.76
N PRO B 146 -8.77 -66.11 -12.64
CA PRO B 146 -8.59 -66.72 -11.33
C PRO B 146 -7.28 -66.22 -10.72
N ILE B 147 -7.22 -66.11 -9.39
CA ILE B 147 -6.00 -65.57 -8.73
C ILE B 147 -5.42 -66.64 -7.79
N ASP B 148 -4.13 -66.93 -7.93
CA ASP B 148 -3.45 -67.90 -7.06
C ASP B 148 -3.00 -67.17 -5.80
N LEU B 149 -3.47 -67.61 -4.62
CA LEU B 149 -3.17 -66.89 -3.35
C LEU B 149 -2.65 -67.88 -2.31
N PRO B 150 -1.63 -67.57 -1.47
CA PRO B 150 -1.19 -68.50 -0.43
C PRO B 150 -2.10 -68.46 0.81
N VAL B 151 -2.27 -69.61 1.47
CA VAL B 151 -3.20 -69.67 2.63
C VAL B 151 -2.68 -68.76 3.75
N SER B 152 -1.38 -68.81 4.02
CA SER B 152 -0.82 -68.03 5.16
C SER B 152 -0.61 -66.55 4.80
N GLY B 153 -0.79 -66.17 3.53
CA GLY B 153 -0.50 -64.78 3.13
C GLY B 153 -1.77 -64.00 2.85
N VAL B 154 -2.88 -64.36 3.48
CA VAL B 154 -4.18 -63.67 3.20
C VAL B 154 -4.83 -63.26 4.52
N ILE B 155 -5.97 -62.58 4.43
CA ILE B 155 -6.68 -62.12 5.65
C ILE B 155 -7.01 -63.35 6.50
N PRO B 156 -7.01 -63.28 7.85
CA PRO B 156 -7.23 -64.47 8.68
C PRO B 156 -8.54 -65.21 8.37
N GLY B 157 -9.56 -64.47 7.94
CA GLY B 157 -10.85 -65.08 7.60
C GLY B 157 -10.73 -66.09 6.49
N TRP B 158 -10.03 -65.71 5.41
CA TRP B 158 -9.81 -66.65 4.28
C TRP B 158 -8.95 -67.81 4.74
N VAL B 159 -7.93 -67.54 5.56
CA VAL B 159 -7.00 -68.62 5.99
C VAL B 159 -7.85 -69.75 6.56
N GLU B 160 -8.72 -69.44 7.50
CA GLU B 160 -9.54 -70.48 8.17
C GLU B 160 -10.48 -71.13 7.16
N ALA B 161 -11.24 -70.32 6.41
CA ALA B 161 -12.23 -70.87 5.47
C ALA B 161 -11.58 -71.80 4.45
N LEU B 162 -10.48 -71.37 3.85
CA LEU B 162 -9.85 -72.18 2.76
C LEU B 162 -9.51 -73.56 3.28
N GLN B 163 -8.95 -73.65 4.49
CA GLN B 163 -8.56 -74.96 5.07
C GLN B 163 -9.82 -75.82 5.25
N LEU B 164 -10.97 -75.21 5.54
CA LEU B 164 -12.22 -75.97 5.70
C LEU B 164 -12.72 -76.42 4.32
N MET B 165 -12.41 -75.65 3.29
CA MET B 165 -12.95 -75.97 1.94
C MET B 165 -12.22 -77.16 1.32
N HIS B 166 -12.89 -77.88 0.42
CA HIS B 166 -12.27 -79.00 -0.31
C HIS B 166 -12.13 -78.54 -1.75
N VAL B 167 -11.23 -79.13 -2.54
CA VAL B 167 -11.03 -78.59 -3.92
C VAL B 167 -12.34 -78.73 -4.69
N GLY B 168 -12.79 -77.65 -5.34
CA GLY B 168 -14.02 -77.71 -6.16
C GLY B 168 -15.21 -77.10 -5.45
N GLU B 169 -15.10 -76.89 -4.14
CA GLU B 169 -16.25 -76.37 -3.34
C GLU B 169 -16.45 -74.87 -3.58
N LYS B 170 -17.70 -74.41 -3.48
CA LYS B 170 -17.99 -72.96 -3.59
C LYS B 170 -18.82 -72.60 -2.35
N ILE B 171 -18.40 -71.58 -1.60
CA ILE B 171 -19.13 -71.23 -0.34
C ILE B 171 -19.40 -69.73 -0.33
N LYS B 172 -20.22 -69.30 0.63
CA LYS B 172 -20.44 -67.83 0.81
C LYS B 172 -19.79 -67.50 2.15
N LEU B 173 -18.89 -66.52 2.18
CA LEU B 173 -18.17 -66.18 3.43
C LEU B 173 -18.76 -64.94 4.07
N TYR B 174 -18.85 -64.91 5.39
CA TYR B 174 -19.34 -63.72 6.12
C TYR B 174 -18.28 -63.43 7.18
N ILE B 175 -17.15 -62.86 6.75
CA ILE B 175 -16.00 -62.62 7.68
C ILE B 175 -16.30 -61.46 8.63
N PRO B 176 -16.26 -61.64 9.98
CA PRO B 176 -16.44 -60.50 10.88
C PRO B 176 -15.26 -59.53 10.71
N SER B 177 -15.44 -58.28 11.14
CA SER B 177 -14.39 -57.24 10.98
C SER B 177 -13.09 -57.67 11.64
N GLU B 178 -13.17 -58.25 12.83
CA GLU B 178 -11.96 -58.61 13.62
C GLU B 178 -11.09 -59.60 12.85
N LEU B 179 -11.69 -60.43 11.99
CA LEU B 179 -10.91 -61.49 11.30
C LEU B 179 -10.49 -60.99 9.92
N ALA B 180 -10.63 -59.68 9.71
CA ALA B 180 -10.19 -59.05 8.44
C ALA B 180 -9.45 -57.76 8.78
N TYR B 181 -9.93 -56.62 8.27
CA TYR B 181 -9.18 -55.34 8.44
C TYR B 181 -9.38 -54.73 9.83
N GLY B 182 -10.53 -54.96 10.45
CA GLY B 182 -10.82 -54.36 11.76
C GLY B 182 -11.06 -52.87 11.64
N ALA B 183 -10.77 -52.11 12.71
CA ALA B 183 -10.97 -50.65 12.70
C ALA B 183 -9.91 -49.99 11.84
N GLN B 184 -8.85 -50.74 11.53
CA GLN B 184 -7.83 -50.22 10.60
C GLN B 184 -8.41 -50.40 9.20
N SER B 185 -8.81 -49.29 8.58
CA SER B 185 -9.37 -49.36 7.20
C SER B 185 -8.48 -48.52 6.28
N PRO B 186 -7.26 -48.96 5.95
CA PRO B 186 -6.41 -48.22 5.02
C PRO B 186 -7.22 -48.22 3.72
N SER B 187 -7.96 -49.29 3.46
CA SER B 187 -8.79 -49.41 2.24
C SER B 187 -9.90 -48.35 2.26
N PRO B 188 -10.04 -47.50 1.22
CA PRO B 188 -11.13 -46.51 1.18
C PRO B 188 -12.56 -47.07 1.03
N ALA B 189 -12.76 -48.03 0.13
CA ALA B 189 -14.11 -48.60 -0.11
C ALA B 189 -14.55 -49.35 1.15
N ILE B 190 -13.61 -50.02 1.82
CA ILE B 190 -13.93 -50.77 3.06
C ILE B 190 -13.79 -49.82 4.25
N PRO B 191 -14.87 -49.25 4.85
CA PRO B 191 -14.74 -48.43 6.05
C PRO B 191 -14.28 -49.22 7.28
N ALA B 192 -14.18 -48.56 8.42
CA ALA B 192 -13.71 -49.24 9.63
C ALA B 192 -14.80 -50.17 10.15
N ASN B 193 -14.41 -51.30 10.74
CA ASN B 193 -15.39 -52.24 11.34
C ASN B 193 -16.42 -52.60 10.28
N SER B 194 -15.97 -53.11 9.14
CA SER B 194 -16.89 -53.52 8.04
C SER B 194 -16.83 -55.04 7.85
N VAL B 195 -17.97 -55.71 8.02
CA VAL B 195 -18.04 -57.18 7.84
C VAL B 195 -17.95 -57.47 6.35
N LEU B 196 -17.04 -58.36 5.95
CA LEU B 196 -16.80 -58.62 4.51
C LEU B 196 -17.55 -59.87 4.06
N VAL B 197 -18.41 -59.75 3.03
CA VAL B 197 -19.15 -60.91 2.49
C VAL B 197 -18.44 -61.34 1.19
N PHE B 198 -18.04 -62.60 1.10
CA PHE B 198 -17.25 -63.04 -0.08
C PHE B 198 -17.85 -64.28 -0.74
N ASP B 199 -17.88 -64.32 -2.08
CA ASP B 199 -18.29 -65.56 -2.78
C ASP B 199 -17.00 -66.26 -3.20
N MET B 200 -16.61 -67.34 -2.53
CA MET B 200 -15.29 -67.96 -2.82
C MET B 200 -15.44 -69.35 -3.41
N GLU B 201 -14.67 -69.68 -4.45
CA GLU B 201 -14.68 -71.03 -5.03
C GLU B 201 -13.25 -71.53 -5.13
N LEU B 202 -12.96 -72.68 -4.52
CA LEU B 202 -11.60 -73.27 -4.56
C LEU B 202 -11.42 -74.03 -5.87
N LEU B 203 -10.99 -73.33 -6.91
CA LEU B 203 -10.81 -73.98 -8.23
C LEU B 203 -9.79 -75.12 -8.09
N GLY B 204 -8.63 -74.85 -7.51
CA GLY B 204 -7.68 -75.95 -7.27
C GLY B 204 -6.50 -75.54 -6.40
N ILE B 205 -5.67 -76.51 -6.03
CA ILE B 205 -4.45 -76.22 -5.23
C ILE B 205 -3.29 -76.21 -6.21
N LYS B 206 -2.54 -75.11 -6.30
CA LYS B 206 -1.45 -75.01 -7.32
C LYS B 206 -0.21 -75.78 -6.88
N GLN C 1 23.82 15.79 10.37
CA GLN C 1 24.96 16.76 10.38
C GLN C 1 26.14 16.14 9.62
N THR C 2 25.87 15.12 8.80
CA THR C 2 26.95 14.50 7.99
C THR C 2 27.14 15.29 6.70
N ASN C 3 28.12 14.91 5.87
CA ASN C 3 28.33 15.57 4.56
C ASN C 3 27.31 15.05 3.55
N VAL C 4 26.64 15.96 2.82
CA VAL C 4 25.68 15.54 1.76
C VAL C 4 26.47 15.10 0.53
N GLU C 5 26.02 14.05 -0.16
CA GLU C 5 26.78 13.50 -1.32
C GLU C 5 26.96 14.58 -2.39
N LEU C 6 25.86 15.13 -2.91
CA LEU C 6 25.91 16.17 -3.98
C LEU C 6 26.64 15.65 -5.22
N LYS C 7 26.54 14.35 -5.52
CA LYS C 7 27.27 13.77 -6.69
C LYS C 7 26.29 13.46 -7.82
N THR C 8 25.23 12.69 -7.54
CA THR C 8 24.21 12.36 -8.57
C THR C 8 23.64 13.67 -9.10
N PRO C 9 23.33 13.81 -10.43
CA PRO C 9 22.68 15.03 -10.92
C PRO C 9 21.42 15.32 -10.11
N ALA C 10 20.75 14.26 -9.65
CA ALA C 10 19.52 14.42 -8.86
C ALA C 10 19.86 15.11 -7.55
N GLN C 11 20.97 14.70 -6.91
CA GLN C 11 21.41 15.32 -5.64
C GLN C 11 21.79 16.78 -5.92
N LYS C 12 22.43 17.04 -7.06
CA LYS C 12 22.77 18.43 -7.43
C LYS C 12 21.47 19.21 -7.61
N ALA C 13 20.48 18.61 -8.30
CA ALA C 13 19.19 19.30 -8.54
C ALA C 13 18.48 19.50 -7.22
N SER C 14 18.54 18.50 -6.34
CA SER C 14 17.89 18.60 -5.01
C SER C 14 18.48 19.79 -4.26
N TYR C 15 19.81 19.91 -4.29
CA TYR C 15 20.49 21.04 -3.61
C TYR C 15 19.94 22.35 -4.15
N GLY C 16 19.90 22.48 -5.47
CA GLY C 16 19.41 23.72 -6.10
C GLY C 16 17.99 24.03 -5.67
N ILE C 17 17.13 23.01 -5.64
CA ILE C 17 15.72 23.21 -5.19
C ILE C 17 15.75 23.82 -3.78
N GLY C 18 16.50 23.20 -2.87
CA GLY C 18 16.56 23.68 -1.49
C GLY C 18 17.17 25.06 -1.40
N LEU C 19 18.28 25.29 -2.09
CA LEU C 19 18.93 26.61 -2.10
C LEU C 19 17.94 27.66 -2.62
N ASN C 20 17.37 27.45 -3.81
CA ASN C 20 16.45 28.45 -4.40
C ASN C 20 15.29 28.69 -3.44
N MET C 21 14.59 27.63 -3.04
CA MET C 21 13.40 27.78 -2.15
C MET C 21 13.84 28.45 -0.85
N GLY C 22 14.95 27.98 -0.28
CA GLY C 22 15.45 28.57 0.98
C GLY C 22 15.59 30.08 0.86
N LYS C 23 16.25 30.54 -0.20
CA LYS C 23 16.44 32.00 -0.43
C LYS C 23 15.06 32.66 -0.51
N SER C 24 14.18 32.18 -1.39
CA SER C 24 12.84 32.81 -1.59
C SER C 24 12.07 32.88 -0.27
N LEU C 25 11.91 31.75 0.43
CA LEU C 25 11.10 31.72 1.68
C LEU C 25 11.72 32.62 2.76
N SER C 26 13.04 32.65 2.86
CA SER C 26 13.72 33.52 3.85
C SER C 26 13.38 34.98 3.53
N GLN C 27 13.36 35.35 2.25
CA GLN C 27 12.96 36.73 1.87
C GLN C 27 11.50 36.94 2.27
N GLU C 28 10.67 35.91 2.11
CA GLU C 28 9.22 36.05 2.42
C GLU C 28 9.00 36.06 3.93
N GLY C 29 10.07 36.09 4.75
CA GLY C 29 9.87 36.22 6.20
C GLY C 29 10.06 34.95 7.01
N MET C 30 10.31 33.80 6.37
CA MET C 30 10.58 32.56 7.14
C MET C 30 12.07 32.37 7.39
N ASP C 31 12.62 33.04 8.41
CA ASP C 31 14.04 32.85 8.76
C ASP C 31 14.13 31.68 9.75
N ASP C 32 12.96 31.20 10.20
CA ASP C 32 12.94 30.13 11.23
C ASP C 32 12.78 28.78 10.54
N LEU C 33 13.01 28.72 9.22
CA LEU C 33 12.85 27.47 8.45
C LEU C 33 13.84 26.42 8.97
N ASP C 34 13.36 25.26 9.41
CA ASP C 34 14.24 24.18 9.93
C ASP C 34 14.71 23.28 8.79
N SER C 35 15.99 22.90 8.80
CA SER C 35 16.55 22.01 7.74
C SER C 35 15.99 20.60 7.89
N LYS C 36 16.05 20.01 9.08
CA LYS C 36 15.62 18.60 9.24
C LYS C 36 14.10 18.49 9.11
N ALA C 37 13.37 19.53 9.48
CA ALA C 37 11.90 19.46 9.44
C ALA C 37 11.46 19.22 8.00
N VAL C 38 11.95 20.05 7.07
CA VAL C 38 11.58 19.89 5.63
C VAL C 38 12.11 18.52 5.17
N ALA C 39 13.33 18.15 5.57
CA ALA C 39 13.95 16.88 5.12
C ALA C 39 13.06 15.69 5.48
N LYS C 40 12.64 15.61 6.75
CA LYS C 40 11.80 14.48 7.21
C LYS C 40 10.50 14.51 6.42
N GLY C 41 9.97 15.70 6.14
CA GLY C 41 8.72 15.81 5.37
C GLY C 41 8.86 15.13 4.02
N ILE C 42 9.95 15.40 3.32
CA ILE C 42 10.21 14.77 1.99
C ILE C 42 10.32 13.26 2.19
N GLU C 43 11.08 12.84 3.20
CA GLU C 43 11.29 11.39 3.47
C GLU C 43 9.94 10.72 3.71
N ASP C 44 9.06 11.37 4.48
CA ASP C 44 7.73 10.77 4.78
C ASP C 44 6.88 10.78 3.51
N ALA C 45 7.04 11.81 2.67
CA ALA C 45 6.27 11.89 1.41
C ALA C 45 6.74 10.80 0.43
N LEU C 46 8.04 10.75 0.13
CA LEU C 46 8.57 9.78 -0.85
C LEU C 46 8.38 8.36 -0.32
N GLY C 47 8.54 8.17 1.00
CA GLY C 47 8.38 6.83 1.60
C GLY C 47 6.91 6.45 1.66
N LYS C 48 6.02 7.34 1.27
CA LYS C 48 4.56 7.09 1.35
C LYS C 48 4.19 6.76 2.81
N LYS C 49 4.99 7.28 3.76
CA LYS C 49 4.73 7.02 5.19
C LYS C 49 3.58 7.90 5.67
N LYS C 50 3.18 7.73 6.94
CA LYS C 50 2.03 8.51 7.49
C LYS C 50 2.49 9.92 7.86
N GLN C 51 1.58 10.89 7.80
CA GLN C 51 1.91 12.29 8.17
C GLN C 51 2.14 12.38 9.68
N GLN C 52 3.28 12.91 10.10
CA GLN C 52 3.63 12.97 11.55
C GLN C 52 2.74 14.02 12.24
N LEU C 53 2.26 15.00 11.50
CA LEU C 53 1.39 16.07 12.08
C LEU C 53 0.10 16.15 11.28
N THR C 54 -1.03 16.41 11.95
CA THR C 54 -2.34 16.41 11.25
C THR C 54 -2.35 17.54 10.22
N ASP C 55 -3.01 17.31 9.08
CA ASP C 55 -3.09 18.34 8.03
C ASP C 55 -3.64 19.63 8.66
N GLU C 56 -4.60 19.51 9.56
CA GLU C 56 -5.24 20.72 10.16
C GLU C 56 -4.27 21.35 11.16
N GLU C 57 -3.50 20.54 11.88
CA GLU C 57 -2.50 21.09 12.84
C GLU C 57 -1.46 21.86 12.03
N LEU C 58 -1.09 21.34 10.85
CA LEU C 58 -0.11 22.03 9.97
C LEU C 58 -0.68 23.38 9.56
N THR C 59 -1.98 23.40 9.25
CA THR C 59 -2.65 24.67 8.82
C THR C 59 -2.59 25.67 9.97
N GLU C 60 -2.71 25.20 11.21
CA GLU C 60 -2.67 26.10 12.38
C GLU C 60 -1.31 26.80 12.43
N ALA C 61 -0.22 26.04 12.31
CA ALA C 61 1.15 26.61 12.39
C ALA C 61 1.35 27.61 11.25
N PHE C 62 0.93 27.25 10.04
CA PHE C 62 1.11 28.15 8.88
C PHE C 62 0.48 29.50 9.23
N ALA C 63 -0.75 29.49 9.75
CA ALA C 63 -1.45 30.75 10.07
C ALA C 63 -0.71 31.49 11.17
N PHE C 64 -0.17 30.77 12.15
CA PHE C 64 0.53 31.42 13.29
C PHE C 64 1.70 32.23 12.74
N LEU C 65 2.56 31.58 11.96
CA LEU C 65 3.77 32.27 11.42
C LEU C 65 3.36 33.43 10.51
N GLN C 66 2.33 33.23 9.69
CA GLN C 66 1.90 34.29 8.73
C GLN C 66 1.44 35.51 9.52
N LYS C 67 0.66 35.29 10.57
CA LYS C 67 0.16 36.41 11.40
C LYS C 67 1.35 37.09 12.07
N ARG C 68 2.32 36.30 12.53
CA ARG C 68 3.50 36.87 13.23
C ARG C 68 4.26 37.78 12.26
N ALA C 69 4.42 37.36 11.00
CA ALA C 69 5.09 38.21 9.99
C ALA C 69 4.28 39.47 9.75
N GLU C 70 2.95 39.33 9.67
CA GLU C 70 2.08 40.50 9.38
C GLU C 70 2.25 41.49 10.52
N GLU C 71 2.31 41.00 11.76
CA GLU C 71 2.50 41.90 12.93
C GLU C 71 3.86 42.59 12.80
N ARG C 72 4.90 41.85 12.38
CA ARG C 72 6.26 42.43 12.24
C ARG C 72 6.24 43.52 11.17
N MET C 73 5.52 43.28 10.07
CA MET C 73 5.50 44.27 8.96
C MET C 73 4.89 45.57 9.47
N ALA C 74 3.79 45.47 10.23
CA ALA C 74 3.15 46.68 10.80
C ALA C 74 4.09 47.36 11.78
N ALA C 75 4.81 46.56 12.58
CA ALA C 75 5.74 47.13 13.58
C ALA C 75 6.77 48.00 12.87
N ILE C 76 7.44 47.44 11.86
CA ILE C 76 8.47 48.22 11.09
C ILE C 76 7.78 49.43 10.47
N GLY C 77 6.60 49.24 9.88
CA GLY C 77 5.83 50.36 9.29
C GLY C 77 5.63 51.48 10.28
N ASP C 78 5.12 51.18 11.48
CA ASP C 78 4.86 52.22 12.50
C ASP C 78 6.19 52.79 12.99
N GLU C 79 7.16 51.94 13.29
CA GLU C 79 8.46 52.44 13.81
C GLU C 79 9.04 53.42 12.80
N ASN C 80 9.05 53.04 11.51
CA ASN C 80 9.60 53.92 10.46
C ASN C 80 8.86 55.25 10.46
N ALA C 81 7.53 55.21 10.62
CA ALA C 81 6.74 56.47 10.65
C ALA C 81 7.25 57.34 11.80
N LYS C 82 7.36 56.78 13.00
CA LYS C 82 7.78 57.58 14.17
C LYS C 82 9.24 58.00 14.04
N ALA C 83 10.10 57.12 13.53
CA ALA C 83 11.55 57.42 13.38
C ALA C 83 11.72 58.57 12.38
N GLY C 84 11.03 58.49 11.25
CA GLY C 84 11.13 59.54 10.23
C GLY C 84 10.55 60.85 10.71
N LYS C 85 9.46 60.79 11.48
CA LYS C 85 8.88 62.01 12.08
C LYS C 85 9.96 62.69 12.93
N LYS C 86 10.64 61.91 13.77
CA LYS C 86 11.70 62.46 14.65
C LYS C 86 12.83 63.02 13.78
N PHE C 87 13.25 62.26 12.77
CA PHE C 87 14.34 62.73 11.87
C PHE C 87 13.97 64.12 11.35
N LEU C 88 12.78 64.25 10.77
CA LEU C 88 12.37 65.53 10.17
C LEU C 88 12.26 66.61 11.23
N GLU C 89 11.76 66.28 12.41
CA GLU C 89 11.60 67.28 13.50
C GLU C 89 12.95 67.92 13.78
N GLU C 90 13.94 67.11 14.14
CA GLU C 90 15.29 67.64 14.46
C GLU C 90 15.89 68.31 13.23
N ASN C 91 15.80 67.68 12.06
CA ASN C 91 16.45 68.23 10.83
C ASN C 91 15.85 69.60 10.50
N GLY C 92 14.57 69.80 10.74
CA GLY C 92 13.92 71.08 10.40
C GLY C 92 14.49 72.22 11.22
N LYS C 93 14.81 71.96 12.48
CA LYS C 93 15.32 73.01 13.40
C LYS C 93 16.76 73.37 13.02
N ARG C 94 17.42 72.53 12.24
CA ARG C 94 18.84 72.77 11.90
C ARG C 94 18.97 74.09 11.12
N ASP C 95 20.11 74.77 11.28
CA ASP C 95 20.36 76.02 10.53
C ASP C 95 20.84 75.63 9.12
N GLY C 96 20.29 76.26 8.09
CA GLY C 96 20.66 75.86 6.72
C GLY C 96 19.65 74.88 6.11
N VAL C 97 18.73 74.37 6.91
CA VAL C 97 17.66 73.49 6.37
C VAL C 97 16.38 74.32 6.32
N THR C 98 15.80 74.45 5.12
CA THR C 98 14.56 75.25 4.95
C THR C 98 13.37 74.29 4.83
N THR C 99 12.42 74.36 5.76
CA THR C 99 11.21 73.51 5.73
C THR C 99 10.09 74.23 4.97
N THR C 100 9.51 73.60 3.96
CA THR C 100 8.44 74.24 3.15
C THR C 100 7.08 74.00 3.81
N ALA C 101 6.02 74.59 3.25
CA ALA C 101 4.66 74.45 3.81
C ALA C 101 4.21 73.01 3.70
N SER C 102 4.61 72.32 2.63
CA SER C 102 4.24 70.89 2.43
C SER C 102 5.06 70.02 3.38
N GLY C 103 6.07 70.59 4.05
CA GLY C 103 6.89 69.83 4.99
C GLY C 103 8.16 69.34 4.32
N LEU C 104 8.35 69.68 3.05
CA LEU C 104 9.60 69.32 2.34
C LEU C 104 10.75 70.11 2.97
N GLN C 105 11.82 69.43 3.37
CA GLN C 105 12.98 70.10 4.00
C GLN C 105 14.13 70.06 3.01
N TYR C 106 14.85 71.18 2.84
CA TYR C 106 15.90 71.21 1.81
C TYR C 106 17.11 72.04 2.25
N GLU C 107 18.31 71.57 1.92
CA GLU C 107 19.56 72.30 2.25
C GLU C 107 20.32 72.51 0.93
N ILE C 108 20.58 73.77 0.53
CA ILE C 108 21.21 74.07 -0.78
C ILE C 108 22.73 73.94 -0.71
N VAL C 109 23.31 72.93 -1.38
CA VAL C 109 24.79 72.75 -1.41
C VAL C 109 25.40 73.74 -2.40
N LYS C 110 24.86 73.79 -3.62
CA LYS C 110 25.38 74.73 -4.65
C LYS C 110 24.23 75.59 -5.19
N LYS C 111 24.44 76.91 -5.29
CA LYS C 111 23.40 77.82 -5.81
C LYS C 111 23.77 78.23 -7.23
N ALA C 112 22.79 78.72 -7.99
CA ALA C 112 23.02 79.15 -9.40
C ALA C 112 21.88 80.07 -9.82
N ASP C 113 22.06 80.78 -10.94
CA ASP C 113 21.04 81.77 -11.39
C ASP C 113 20.39 81.30 -12.70
N GLY C 114 20.49 80.02 -13.01
CA GLY C 114 19.88 79.47 -14.24
C GLY C 114 18.36 79.48 -14.17
N PRO C 115 17.59 79.15 -15.24
CA PRO C 115 16.14 79.25 -15.16
C PRO C 115 15.50 78.18 -14.28
N GLN C 116 14.34 78.47 -13.70
CA GLN C 116 13.61 77.48 -12.87
C GLN C 116 12.75 76.61 -13.78
N PRO C 117 12.82 75.25 -13.73
CA PRO C 117 11.96 74.40 -14.55
C PRO C 117 10.46 74.52 -14.23
N LYS C 118 9.61 74.02 -15.14
CA LYS C 118 8.15 74.11 -14.95
C LYS C 118 7.59 72.69 -14.91
N ALA C 119 6.34 72.53 -14.46
CA ALA C 119 5.75 71.18 -14.30
C ALA C 119 5.63 70.49 -15.66
N THR C 120 5.54 71.27 -16.73
CA THR C 120 5.36 70.70 -18.09
C THR C 120 6.71 70.49 -18.77
N ASP C 121 7.78 70.25 -18.00
CA ASP C 121 9.13 70.15 -18.60
C ASP C 121 9.75 68.79 -18.29
N VAL C 122 10.86 68.44 -18.96
CA VAL C 122 11.61 67.20 -18.64
C VAL C 122 12.97 67.68 -18.11
N VAL C 123 13.42 67.14 -16.99
CA VAL C 123 14.67 67.69 -16.38
C VAL C 123 15.78 66.64 -16.39
N THR C 124 17.00 67.04 -16.79
CA THR C 124 18.17 66.12 -16.72
C THR C 124 18.75 66.24 -15.31
N VAL C 125 18.79 65.15 -14.54
CA VAL C 125 19.21 65.27 -13.11
C VAL C 125 20.17 64.13 -12.74
N HIS C 126 21.04 64.36 -11.76
CA HIS C 126 21.94 63.30 -11.25
C HIS C 126 21.65 63.18 -9.76
N TYR C 127 21.18 62.02 -9.29
CA TYR C 127 20.78 61.96 -7.86
C TYR C 127 21.17 60.66 -7.18
N GLU C 128 21.16 60.64 -5.84
CA GLU C 128 21.46 59.42 -5.07
C GLU C 128 20.45 59.30 -3.94
N GLY C 129 19.43 58.46 -4.11
CA GLY C 129 18.42 58.26 -3.06
C GLY C 129 18.99 57.54 -1.86
N ARG C 130 18.59 57.95 -0.66
CA ARG C 130 19.07 57.31 0.60
C ARG C 130 17.93 57.25 1.61
N LEU C 131 18.15 56.63 2.76
CA LEU C 131 17.08 56.51 3.78
C LEU C 131 17.58 57.18 5.05
N THR C 132 16.74 57.26 6.09
CA THR C 132 17.13 57.96 7.33
C THR C 132 18.40 57.31 7.88
N ASP C 133 18.51 55.99 7.75
CA ASP C 133 19.67 55.24 8.27
C ASP C 133 20.84 55.24 7.27
N GLY C 134 20.67 55.90 6.12
CA GLY C 134 21.79 56.02 5.16
C GLY C 134 21.81 54.91 4.13
N THR C 135 20.82 54.02 4.16
CA THR C 135 20.73 52.92 3.16
C THR C 135 20.41 53.48 1.77
N VAL C 136 21.33 53.35 0.81
CA VAL C 136 21.12 53.88 -0.57
C VAL C 136 20.12 52.99 -1.30
N PHE C 137 19.16 53.58 -2.02
CA PHE C 137 18.21 52.76 -2.82
C PHE C 137 18.46 52.94 -4.32
N ASP C 138 18.31 54.15 -4.87
CA ASP C 138 18.46 54.36 -6.33
C ASP C 138 19.46 55.49 -6.58
N SER C 139 20.59 55.18 -7.22
CA SER C 139 21.66 56.20 -7.41
C SER C 139 21.97 56.40 -8.90
N SER C 140 21.71 57.59 -9.43
CA SER C 140 22.07 57.89 -10.84
C SER C 140 23.59 57.91 -10.94
N ILE C 141 24.28 58.15 -9.82
CA ILE C 141 25.76 58.11 -9.81
C ILE C 141 26.22 56.67 -10.00
N GLU C 142 25.64 55.74 -9.25
CA GLU C 142 26.00 54.29 -9.36
C GLU C 142 25.56 53.79 -10.73
N ARG C 143 24.42 54.27 -11.23
CA ARG C 143 23.97 53.93 -12.60
C ARG C 143 24.99 54.53 -13.58
N GLY C 144 25.70 55.58 -13.15
CA GLY C 144 26.77 56.15 -13.98
C GLY C 144 26.32 57.30 -14.87
N SER C 145 25.03 57.37 -15.20
CA SER C 145 24.60 58.40 -16.18
C SER C 145 23.44 59.26 -15.66
N PRO C 146 23.35 60.57 -16.00
CA PRO C 146 22.19 61.37 -15.60
C PRO C 146 20.94 60.84 -16.29
N ILE C 147 19.77 61.08 -15.70
CA ILE C 147 18.52 60.55 -16.30
C ILE C 147 17.57 61.71 -16.59
N ASP C 148 16.71 61.53 -17.59
CA ASP C 148 15.75 62.60 -17.98
C ASP C 148 14.40 62.27 -17.35
N LEU C 149 13.92 63.11 -16.43
CA LEU C 149 12.65 62.78 -15.71
C LEU C 149 11.63 63.89 -15.91
N PRO C 150 10.33 63.62 -16.17
CA PRO C 150 9.33 64.67 -16.26
C PRO C 150 9.01 65.26 -14.88
N VAL C 151 8.89 66.58 -14.80
CA VAL C 151 8.56 67.25 -13.50
C VAL C 151 7.17 66.78 -13.10
N SER C 152 6.23 66.75 -14.04
CA SER C 152 4.91 66.16 -13.71
C SER C 152 5.04 64.68 -14.11
N GLY C 153 5.15 63.81 -13.11
CA GLY C 153 5.43 62.39 -13.40
C GLY C 153 6.34 61.85 -12.31
N VAL C 154 7.06 62.76 -11.62
CA VAL C 154 7.86 62.30 -10.45
C VAL C 154 7.03 62.39 -9.16
N ILE C 155 7.62 61.95 -8.05
CA ILE C 155 6.90 61.97 -6.73
C ILE C 155 6.61 63.42 -6.36
N PRO C 156 5.54 63.75 -5.60
CA PRO C 156 5.19 65.15 -5.32
C PRO C 156 6.30 65.99 -4.67
N GLY C 157 7.12 65.38 -3.82
CA GLY C 157 8.22 66.11 -3.18
C GLY C 157 9.19 66.63 -4.23
N TRP C 158 9.50 65.79 -5.21
CA TRP C 158 10.44 66.18 -6.30
C TRP C 158 9.77 67.25 -7.16
N VAL C 159 8.47 67.13 -7.38
CA VAL C 159 7.76 68.12 -8.25
C VAL C 159 8.03 69.50 -7.69
N GLU C 160 7.78 69.69 -6.40
CA GLU C 160 7.96 71.01 -5.74
C GLU C 160 9.43 71.42 -5.76
N ALA C 161 10.32 70.51 -5.34
CA ALA C 161 11.75 70.85 -5.22
C ALA C 161 12.33 71.28 -6.57
N LEU C 162 12.12 70.50 -7.62
CA LEU C 162 12.70 70.80 -8.95
C LEU C 162 12.28 72.20 -9.37
N GLN C 163 11.02 72.55 -9.15
CA GLN C 163 10.50 73.88 -9.56
C GLN C 163 11.19 74.98 -8.76
N LEU C 164 11.48 74.75 -7.48
CA LEU C 164 12.16 75.77 -6.61
C LEU C 164 13.62 75.87 -7.04
N MET C 165 14.17 74.82 -7.64
CA MET C 165 15.61 74.81 -8.00
C MET C 165 15.87 75.61 -9.27
N HIS C 166 17.13 75.94 -9.52
CA HIS C 166 17.52 76.67 -10.75
C HIS C 166 18.53 75.79 -11.48
N VAL C 167 18.72 75.97 -12.78
CA VAL C 167 19.63 75.05 -13.52
C VAL C 167 21.05 75.19 -12.95
N GLY C 168 21.68 74.09 -12.58
CA GLY C 168 23.06 74.13 -12.04
C GLY C 168 23.08 73.97 -10.54
N GLU C 169 21.93 74.12 -9.88
CA GLU C 169 21.89 74.06 -8.40
C GLU C 169 21.98 72.62 -7.91
N LYS C 170 22.58 72.41 -6.74
CA LYS C 170 22.69 71.06 -6.12
C LYS C 170 22.12 71.17 -4.71
N ILE C 171 21.09 70.39 -4.39
CA ILE C 171 20.44 70.53 -3.05
C ILE C 171 20.36 69.16 -2.35
N LYS C 172 20.10 69.18 -1.05
CA LYS C 172 19.86 67.91 -0.30
C LYS C 172 18.38 67.91 0.04
N LEU C 173 17.66 66.84 -0.30
CA LEU C 173 16.18 66.81 -0.11
C LEU C 173 15.83 65.91 1.08
N TYR C 174 14.79 66.26 1.82
CA TYR C 174 14.31 65.43 2.95
C TYR C 174 12.80 65.28 2.74
N ILE C 175 12.39 64.38 1.84
CA ILE C 175 10.95 64.23 1.49
C ILE C 175 10.22 63.45 2.57
N PRO C 176 9.14 63.98 3.21
CA PRO C 176 8.37 63.20 4.17
C PRO C 176 7.71 62.00 3.47
N SER C 177 7.25 61.02 4.26
CA SER C 177 6.63 59.80 3.69
C SER C 177 5.46 60.15 2.78
N GLU C 178 4.60 61.07 3.22
CA GLU C 178 3.35 61.40 2.47
C GLU C 178 3.68 62.03 1.12
N LEU C 179 4.78 62.77 1.02
CA LEU C 179 5.11 63.47 -0.25
C LEU C 179 5.86 62.51 -1.14
N ALA C 180 6.01 61.26 -0.68
CA ALA C 180 6.66 60.20 -1.49
C ALA C 180 5.65 59.09 -1.76
N TYR C 181 6.12 57.85 -1.81
CA TYR C 181 5.22 56.68 -2.05
C TYR C 181 4.24 56.50 -0.88
N GLY C 182 4.71 56.70 0.35
CA GLY C 182 3.81 56.60 1.52
C GLY C 182 3.80 55.20 2.10
N ALA C 183 2.67 54.77 2.65
CA ALA C 183 2.55 53.38 3.15
C ALA C 183 2.93 52.38 2.07
N GLN C 184 2.27 52.41 0.92
CA GLN C 184 2.58 51.39 -0.10
C GLN C 184 4.05 51.55 -0.49
N SER C 185 4.75 50.43 -0.64
CA SER C 185 6.19 50.46 -0.97
C SER C 185 6.39 49.70 -2.28
N PRO C 186 6.03 50.25 -3.47
CA PRO C 186 6.13 49.49 -4.72
C PRO C 186 7.59 49.12 -4.95
N SER C 187 8.50 49.74 -4.19
CA SER C 187 9.94 49.39 -4.30
C SER C 187 10.35 48.74 -2.98
N PRO C 188 10.98 47.54 -2.94
CA PRO C 188 11.28 46.88 -1.64
C PRO C 188 12.38 47.62 -0.87
N ALA C 189 13.29 48.29 -1.58
CA ALA C 189 14.39 49.01 -0.92
C ALA C 189 13.80 50.19 -0.15
N ILE C 190 12.61 50.63 -0.56
CA ILE C 190 11.91 51.74 0.14
C ILE C 190 10.79 51.11 0.99
N PRO C 191 10.95 50.90 2.31
CA PRO C 191 9.86 50.35 3.12
C PRO C 191 8.65 51.29 3.25
N ALA C 192 7.68 50.91 4.07
CA ALA C 192 6.47 51.73 4.25
C ALA C 192 6.78 52.96 5.11
N ASN C 193 6.07 54.06 4.87
CA ASN C 193 6.25 55.30 5.70
C ASN C 193 7.73 55.60 5.82
N SER C 194 8.44 55.74 4.69
CA SER C 194 9.90 55.96 4.72
C SER C 194 10.25 57.36 4.23
N VAL C 195 10.90 58.16 5.09
CA VAL C 195 11.37 59.53 4.68
C VAL C 195 12.54 59.34 3.72
N LEU C 196 12.48 59.95 2.54
CA LEU C 196 13.55 59.76 1.53
C LEU C 196 14.53 60.93 1.58
N VAL C 197 15.83 60.63 1.65
CA VAL C 197 16.88 61.69 1.67
C VAL C 197 17.58 61.66 0.30
N PHE C 198 17.62 62.78 -0.41
CA PHE C 198 18.17 62.74 -1.79
C PHE C 198 19.23 63.79 -2.03
N ASP C 199 20.31 63.43 -2.73
CA ASP C 199 21.34 64.43 -3.12
C ASP C 199 21.08 64.69 -4.61
N MET C 200 20.42 65.79 -4.96
CA MET C 200 20.01 66.01 -6.36
C MET C 200 20.79 67.14 -7.03
N GLU C 201 21.16 66.95 -8.29
CA GLU C 201 21.83 68.04 -9.07
C GLU C 201 21.03 68.25 -10.34
N LEU C 202 20.46 69.44 -10.53
CA LEU C 202 19.71 69.78 -11.75
C LEU C 202 20.70 70.17 -12.84
N LEU C 203 21.18 69.20 -13.59
CA LEU C 203 22.18 69.48 -14.66
C LEU C 203 21.52 70.34 -15.75
N GLY C 204 20.30 70.00 -16.16
CA GLY C 204 19.69 70.78 -17.26
C GLY C 204 18.20 70.57 -17.44
N ILE C 205 17.54 71.46 -18.18
CA ILE C 205 16.09 71.29 -18.50
C ILE C 205 15.98 71.13 -20.02
N LYS C 206 15.07 70.26 -20.49
CA LYS C 206 14.95 70.00 -21.95
C LYS C 206 13.54 70.35 -22.42
N GLU D 5 12.05 16.06 13.63
CA GLU D 5 12.09 15.57 15.02
C GLU D 5 11.91 16.76 15.98
N LEU D 6 11.23 17.81 15.53
CA LEU D 6 10.94 18.99 16.41
C LEU D 6 9.55 19.54 16.13
N LYS D 7 8.90 20.17 17.11
CA LYS D 7 7.49 20.64 16.93
C LYS D 7 7.34 22.12 17.26
N THR D 8 8.41 22.92 17.11
CA THR D 8 8.27 24.39 17.28
C THR D 8 7.30 24.85 16.19
N PRO D 9 6.48 25.92 16.35
CA PRO D 9 5.54 26.29 15.29
C PRO D 9 6.21 26.34 13.91
N ALA D 10 7.46 26.80 13.86
CA ALA D 10 8.18 26.93 12.58
C ALA D 10 8.48 25.54 12.03
N GLN D 11 8.95 24.63 12.88
CA GLN D 11 9.33 23.28 12.41
C GLN D 11 8.09 22.59 11.86
N LYS D 12 6.96 22.77 12.51
CA LYS D 12 5.69 22.14 12.06
C LYS D 12 5.42 22.57 10.62
N ALA D 13 5.45 23.87 10.35
CA ALA D 13 5.18 24.39 8.98
C ALA D 13 6.26 23.88 8.04
N SER D 14 7.52 23.86 8.49
CA SER D 14 8.63 23.40 7.63
C SER D 14 8.39 21.95 7.23
N TYR D 15 7.86 21.13 8.14
CA TYR D 15 7.56 19.71 7.82
C TYR D 15 6.50 19.67 6.71
N GLY D 16 5.43 20.43 6.86
CA GLY D 16 4.35 20.44 5.86
C GLY D 16 4.84 20.93 4.52
N ILE D 17 5.77 21.90 4.52
CA ILE D 17 6.37 22.39 3.25
C ILE D 17 7.05 21.20 2.56
N GLY D 18 7.90 20.47 3.29
CA GLY D 18 8.63 19.33 2.71
C GLY D 18 7.71 18.22 2.29
N LEU D 19 6.72 17.89 3.13
CA LEU D 19 5.74 16.83 2.79
C LEU D 19 5.09 17.20 1.46
N ASN D 20 4.50 18.39 1.37
CA ASN D 20 3.81 18.81 0.13
C ASN D 20 4.82 18.88 -1.03
N MET D 21 6.00 19.45 -0.78
CA MET D 21 7.01 19.62 -1.86
C MET D 21 7.38 18.24 -2.39
N GLY D 22 7.84 17.35 -1.52
CA GLY D 22 8.27 16.01 -1.95
C GLY D 22 7.16 15.28 -2.67
N LYS D 23 5.93 15.37 -2.14
CA LYS D 23 4.77 14.69 -2.77
C LYS D 23 4.60 15.26 -4.17
N SER D 24 4.56 16.59 -4.30
CA SER D 24 4.38 17.24 -5.62
C SER D 24 5.48 16.81 -6.59
N LEU D 25 6.73 16.88 -6.15
CA LEU D 25 7.88 16.57 -7.06
C LEU D 25 7.84 15.10 -7.47
N SER D 26 7.45 14.21 -6.56
CA SER D 26 7.38 12.75 -6.88
C SER D 26 6.27 12.52 -7.90
N GLN D 27 5.24 13.37 -7.88
CA GLN D 27 4.11 13.25 -8.84
C GLN D 27 4.43 14.04 -10.10
N GLU D 28 5.55 14.78 -10.09
CA GLU D 28 6.00 15.50 -11.31
C GLU D 28 7.15 14.70 -11.92
N GLY D 29 7.38 13.48 -11.44
CA GLY D 29 8.40 12.61 -12.07
C GLY D 29 9.71 12.54 -11.30
N MET D 30 9.92 13.43 -10.32
CA MET D 30 11.16 13.38 -9.51
C MET D 30 10.99 12.40 -8.34
N ASP D 31 10.89 11.11 -8.66
CA ASP D 31 10.69 10.06 -7.63
C ASP D 31 11.92 10.00 -6.73
N ASP D 32 13.11 10.17 -7.31
CA ASP D 32 14.38 10.13 -6.50
C ASP D 32 14.85 11.55 -6.16
N LEU D 33 14.60 11.99 -4.93
CA LEU D 33 15.01 13.34 -4.48
C LEU D 33 15.81 13.14 -3.19
N ASP D 34 16.97 13.79 -3.08
CA ASP D 34 17.75 13.70 -1.82
C ASP D 34 17.25 14.78 -0.86
N SER D 35 16.53 14.36 0.19
CA SER D 35 16.03 15.32 1.21
C SER D 35 17.22 15.98 1.89
N LYS D 36 18.31 15.22 2.05
CA LYS D 36 19.52 15.79 2.67
C LYS D 36 20.09 16.87 1.77
N ALA D 37 19.96 16.71 0.45
CA ALA D 37 20.55 17.70 -0.49
C ALA D 37 19.72 18.97 -0.49
N VAL D 38 18.39 18.85 -0.44
CA VAL D 38 17.56 20.08 -0.33
C VAL D 38 17.88 20.73 1.03
N ALA D 39 18.04 19.91 2.07
CA ALA D 39 18.34 20.44 3.42
C ALA D 39 19.65 21.21 3.36
N LYS D 40 20.69 20.60 2.79
CA LYS D 40 22.00 21.31 2.65
C LYS D 40 21.75 22.64 1.95
N GLY D 41 20.93 22.63 0.91
CA GLY D 41 20.62 23.87 0.17
C GLY D 41 20.03 24.92 1.08
N ILE D 42 18.97 24.57 1.82
CA ILE D 42 18.29 25.60 2.65
C ILE D 42 19.29 26.19 3.65
N GLU D 43 20.13 25.35 4.26
CA GLU D 43 21.08 25.82 5.30
C GLU D 43 22.03 26.83 4.66
N ASP D 44 22.58 26.48 3.50
CA ASP D 44 23.54 27.38 2.81
C ASP D 44 22.80 28.66 2.42
N ALA D 45 21.55 28.54 1.95
CA ALA D 45 20.79 29.73 1.51
C ALA D 45 20.46 30.63 2.71
N LEU D 46 19.95 30.04 3.80
CA LEU D 46 19.53 30.82 5.00
C LEU D 46 20.75 31.51 5.60
N GLY D 47 21.88 30.81 5.71
CA GLY D 47 23.08 31.39 6.33
C GLY D 47 23.90 32.16 5.33
N LYS D 48 23.39 32.29 4.09
CA LYS D 48 24.12 33.00 3.00
C LYS D 48 25.50 32.38 2.81
N LYS D 49 25.65 31.09 3.14
CA LYS D 49 26.94 30.38 2.89
C LYS D 49 27.12 30.27 1.38
N LYS D 50 28.39 30.24 0.92
CA LYS D 50 28.68 30.19 -0.53
C LYS D 50 28.03 28.95 -1.13
N GLN D 51 27.40 29.12 -2.30
CA GLN D 51 26.74 27.98 -2.99
C GLN D 51 27.77 26.89 -3.20
N GLN D 52 27.53 25.71 -2.65
CA GLN D 52 28.46 24.56 -2.84
C GLN D 52 28.54 24.24 -4.33
N LEU D 53 27.49 24.53 -5.08
CA LEU D 53 27.49 24.28 -6.55
C LEU D 53 27.08 25.54 -7.29
N THR D 54 27.70 25.81 -8.45
CA THR D 54 27.41 27.05 -9.21
C THR D 54 26.02 26.97 -9.82
N ASP D 55 25.38 28.14 -10.03
CA ASP D 55 24.03 28.19 -10.62
C ASP D 55 24.05 27.51 -12.00
N GLU D 56 25.13 27.70 -12.75
CA GLU D 56 25.20 27.14 -14.12
C GLU D 56 25.16 25.61 -14.04
N GLU D 57 25.91 25.03 -13.10
CA GLU D 57 25.89 23.56 -12.92
C GLU D 57 24.50 23.14 -12.46
N LEU D 58 23.89 23.93 -11.58
CA LEU D 58 22.53 23.61 -11.05
C LEU D 58 21.53 23.62 -12.20
N THR D 59 21.62 24.61 -13.10
CA THR D 59 20.67 24.73 -14.23
C THR D 59 20.82 23.51 -15.14
N GLU D 60 22.06 23.07 -15.35
CA GLU D 60 22.31 21.89 -16.21
C GLU D 60 21.61 20.67 -15.60
N ALA D 61 21.79 20.45 -14.30
CA ALA D 61 21.18 19.28 -13.64
C ALA D 61 19.66 19.43 -13.62
N PHE D 62 19.17 20.65 -13.41
CA PHE D 62 17.71 20.89 -13.42
C PHE D 62 17.16 20.31 -14.72
N ALA D 63 17.78 20.68 -15.84
CA ALA D 63 17.30 20.20 -17.16
C ALA D 63 17.36 18.68 -17.22
N PHE D 64 18.50 18.09 -16.85
CA PHE D 64 18.66 16.62 -16.94
C PHE D 64 17.50 15.97 -16.20
N LEU D 65 17.23 16.46 -14.97
CA LEU D 65 16.15 15.87 -14.14
C LEU D 65 14.81 16.10 -14.83
N GLN D 66 14.58 17.30 -15.38
CA GLN D 66 13.26 17.59 -15.98
C GLN D 66 12.97 16.60 -17.10
N LYS D 67 13.99 16.28 -17.90
CA LYS D 67 13.79 15.34 -19.05
C LYS D 67 13.51 13.94 -18.49
N ARG D 68 14.31 13.49 -17.53
CA ARG D 68 14.11 12.16 -16.91
C ARG D 68 12.73 12.12 -16.25
N ALA D 69 12.30 13.25 -15.67
CA ALA D 69 11.00 13.30 -14.96
C ALA D 69 9.86 13.05 -15.95
N GLU D 70 9.92 13.67 -17.13
CA GLU D 70 8.83 13.52 -18.13
C GLU D 70 8.73 12.06 -18.55
N GLU D 71 9.88 11.40 -18.76
CA GLU D 71 9.87 9.96 -19.13
C GLU D 71 9.21 9.16 -18.01
N ARG D 72 9.64 9.38 -16.77
CA ARG D 72 9.11 8.60 -15.62
C ARG D 72 7.62 8.90 -15.48
N MET D 73 7.24 10.17 -15.57
CA MET D 73 5.83 10.57 -15.39
C MET D 73 4.99 9.89 -16.47
N ALA D 74 5.53 9.77 -17.68
CA ALA D 74 4.80 9.13 -18.79
C ALA D 74 4.54 7.65 -18.46
N ALA D 75 5.57 6.94 -18.01
CA ALA D 75 5.44 5.51 -17.70
C ALA D 75 4.46 5.32 -16.53
N ILE D 76 4.52 6.21 -15.55
CA ILE D 76 3.59 6.14 -14.39
C ILE D 76 2.16 6.24 -14.93
N GLY D 77 1.92 7.22 -15.81
CA GLY D 77 0.59 7.38 -16.40
C GLY D 77 0.15 6.15 -17.16
N ASP D 78 1.06 5.55 -17.94
CA ASP D 78 0.72 4.34 -18.74
C ASP D 78 0.28 3.22 -17.79
N GLU D 79 1.07 2.96 -16.75
CA GLU D 79 0.75 1.81 -15.85
C GLU D 79 -0.49 2.12 -15.02
N ASN D 80 -0.69 3.38 -14.63
CA ASN D 80 -1.93 3.75 -13.89
C ASN D 80 -3.14 3.51 -14.79
N ALA D 81 -3.00 3.77 -16.08
CA ALA D 81 -4.11 3.54 -17.04
C ALA D 81 -4.42 2.05 -17.09
N LYS D 82 -3.40 1.22 -17.30
CA LYS D 82 -3.62 -0.25 -17.42
C LYS D 82 -4.27 -0.77 -16.14
N ALA D 83 -3.71 -0.41 -14.98
CA ALA D 83 -4.23 -0.93 -13.69
C ALA D 83 -5.66 -0.44 -13.46
N GLY D 84 -5.95 0.80 -13.88
CA GLY D 84 -7.32 1.34 -13.74
C GLY D 84 -8.29 0.56 -14.59
N LYS D 85 -7.90 0.24 -15.82
CA LYS D 85 -8.77 -0.54 -16.74
C LYS D 85 -9.02 -1.92 -16.14
N LYS D 86 -7.96 -2.59 -15.68
CA LYS D 86 -8.08 -3.95 -15.08
C LYS D 86 -8.98 -3.87 -13.85
N PHE D 87 -8.81 -2.83 -13.02
CA PHE D 87 -9.62 -2.69 -11.79
C PHE D 87 -11.09 -2.66 -12.18
N LEU D 88 -11.43 -1.84 -13.16
CA LEU D 88 -12.85 -1.67 -13.56
C LEU D 88 -13.41 -2.99 -14.08
N GLU D 89 -12.60 -3.78 -14.78
CA GLU D 89 -13.06 -5.08 -15.32
C GLU D 89 -13.59 -5.93 -14.16
N GLU D 90 -12.73 -6.19 -13.17
CA GLU D 90 -13.11 -7.09 -12.05
C GLU D 90 -14.16 -6.44 -11.15
N ASN D 91 -14.14 -5.11 -11.03
CA ASN D 91 -15.19 -4.44 -10.22
C ASN D 91 -16.52 -4.65 -10.93
N GLY D 92 -16.52 -4.65 -12.27
CA GLY D 92 -17.77 -4.86 -13.03
C GLY D 92 -18.29 -6.28 -12.83
N LYS D 93 -17.38 -7.23 -12.61
CA LYS D 93 -17.78 -8.65 -12.43
C LYS D 93 -18.35 -8.86 -11.03
N ARG D 94 -18.12 -7.93 -10.10
CA ARG D 94 -18.60 -8.09 -8.70
C ARG D 94 -20.12 -7.91 -8.65
N ASP D 95 -20.75 -8.46 -7.60
CA ASP D 95 -22.23 -8.43 -7.51
C ASP D 95 -22.67 -7.11 -6.89
N GLY D 96 -23.84 -6.60 -7.30
CA GLY D 96 -24.35 -5.33 -6.79
C GLY D 96 -23.82 -4.17 -7.61
N VAL D 97 -22.82 -4.44 -8.43
CA VAL D 97 -22.19 -3.36 -9.26
C VAL D 97 -22.89 -3.31 -10.62
N THR D 98 -23.38 -2.13 -11.00
CA THR D 98 -24.02 -1.95 -12.33
C THR D 98 -23.09 -1.09 -13.18
N THR D 99 -22.71 -1.56 -14.36
CA THR D 99 -21.84 -0.79 -15.29
C THR D 99 -22.72 -0.07 -16.31
N THR D 100 -22.62 1.26 -16.38
CA THR D 100 -23.47 2.05 -17.31
C THR D 100 -22.86 2.01 -18.72
N ALA D 101 -23.53 2.65 -19.69
CA ALA D 101 -23.05 2.63 -21.08
C ALA D 101 -21.75 3.43 -21.20
N SER D 102 -21.58 4.44 -20.33
CA SER D 102 -20.37 5.30 -20.34
C SER D 102 -19.20 4.58 -19.65
N GLY D 103 -19.47 3.47 -18.97
CA GLY D 103 -18.40 2.75 -18.26
C GLY D 103 -18.44 3.05 -16.78
N LEU D 104 -19.26 4.01 -16.38
CA LEU D 104 -19.42 4.34 -14.94
C LEU D 104 -19.96 3.11 -14.23
N GLN D 105 -19.36 2.73 -13.11
CA GLN D 105 -19.83 1.57 -12.32
C GLN D 105 -20.34 2.09 -10.98
N TYR D 106 -21.43 1.52 -10.47
CA TYR D 106 -22.00 2.01 -9.18
C TYR D 106 -22.53 0.86 -8.33
N GLU D 107 -22.22 0.89 -7.04
CA GLU D 107 -22.72 -0.16 -6.10
C GLU D 107 -23.59 0.53 -5.05
N ILE D 108 -24.91 0.38 -5.12
CA ILE D 108 -25.85 1.12 -4.22
C ILE D 108 -25.75 0.63 -2.77
N VAL D 109 -25.17 1.45 -1.87
CA VAL D 109 -25.07 1.07 -0.43
C VAL D 109 -26.46 1.20 0.22
N LYS D 110 -27.12 2.34 0.09
CA LYS D 110 -28.49 2.53 0.65
C LYS D 110 -29.46 2.99 -0.44
N LYS D 111 -30.63 2.34 -0.54
CA LYS D 111 -31.62 2.68 -1.58
C LYS D 111 -32.57 3.75 -1.06
N ALA D 112 -33.30 4.41 -1.97
CA ALA D 112 -34.28 5.44 -1.57
C ALA D 112 -35.28 5.66 -2.70
N ASP D 113 -36.49 6.15 -2.37
CA ASP D 113 -37.53 6.43 -3.39
C ASP D 113 -37.59 7.95 -3.58
N GLY D 114 -36.50 8.65 -3.32
CA GLY D 114 -36.52 10.13 -3.40
C GLY D 114 -36.52 10.65 -4.81
N PRO D 115 -36.83 11.96 -5.05
CA PRO D 115 -36.78 12.52 -6.40
C PRO D 115 -35.39 12.44 -7.03
N GLN D 116 -35.33 12.38 -8.36
CA GLN D 116 -34.03 12.28 -9.07
C GLN D 116 -33.59 13.69 -9.44
N PRO D 117 -32.32 14.11 -9.16
CA PRO D 117 -31.85 15.42 -9.56
C PRO D 117 -31.89 15.67 -11.07
N LYS D 118 -31.90 16.94 -11.46
CA LYS D 118 -31.82 17.29 -12.90
C LYS D 118 -30.59 18.18 -13.02
N ALA D 119 -30.09 18.38 -14.24
CA ALA D 119 -28.87 19.19 -14.45
C ALA D 119 -29.11 20.60 -13.88
N THR D 120 -30.36 21.08 -13.98
CA THR D 120 -30.71 22.43 -13.50
C THR D 120 -30.67 22.49 -11.97
N ASP D 121 -30.93 21.36 -11.30
CA ASP D 121 -31.04 21.38 -9.82
C ASP D 121 -29.67 21.48 -9.15
N VAL D 122 -29.63 22.05 -7.93
CA VAL D 122 -28.37 22.10 -7.13
C VAL D 122 -28.56 21.04 -6.05
N VAL D 123 -27.57 20.21 -5.77
CA VAL D 123 -27.81 19.08 -4.82
C VAL D 123 -26.85 19.10 -3.63
N THR D 124 -27.39 19.05 -2.42
CA THR D 124 -26.50 18.93 -1.22
C THR D 124 -25.99 17.50 -1.17
N VAL D 125 -24.67 17.31 -1.15
CA VAL D 125 -24.10 15.94 -1.20
C VAL D 125 -23.01 15.76 -0.14
N HIS D 126 -22.85 14.54 0.37
CA HIS D 126 -21.73 14.23 1.32
C HIS D 126 -20.90 13.17 0.61
N TYR D 127 -19.59 13.36 0.46
CA TYR D 127 -18.83 12.37 -0.34
C TYR D 127 -17.39 12.21 0.14
N GLU D 128 -16.73 11.13 -0.31
CA GLU D 128 -15.31 10.93 0.00
C GLU D 128 -14.66 10.39 -1.27
N GLY D 129 -13.61 11.06 -1.76
CA GLY D 129 -12.94 10.63 -2.99
C GLY D 129 -11.71 9.82 -2.68
N ARG D 130 -11.50 8.72 -3.39
CA ARG D 130 -10.36 7.82 -3.09
C ARG D 130 -9.78 7.28 -4.39
N LEU D 131 -8.48 6.97 -4.40
CA LEU D 131 -7.87 6.38 -5.61
C LEU D 131 -8.09 4.87 -5.58
N THR D 132 -7.61 4.16 -6.61
CA THR D 132 -7.76 2.69 -6.65
C THR D 132 -7.00 2.09 -5.47
N ASP D 133 -5.91 2.75 -5.06
CA ASP D 133 -5.07 2.29 -3.92
C ASP D 133 -5.71 2.72 -2.59
N GLY D 134 -6.78 3.50 -2.63
CA GLY D 134 -7.48 3.87 -1.38
C GLY D 134 -7.11 5.26 -0.90
N THR D 135 -6.13 5.90 -1.55
CA THR D 135 -5.65 7.24 -1.11
C THR D 135 -6.76 8.28 -1.27
N VAL D 136 -7.25 8.83 -0.16
CA VAL D 136 -8.33 9.85 -0.20
C VAL D 136 -7.78 11.19 -0.71
N PHE D 137 -8.41 11.75 -1.75
CA PHE D 137 -7.99 13.09 -2.25
C PHE D 137 -8.87 14.17 -1.64
N ASP D 138 -10.19 14.02 -1.75
CA ASP D 138 -11.12 15.05 -1.21
C ASP D 138 -12.31 14.38 -0.52
N SER D 139 -12.50 14.67 0.77
CA SER D 139 -13.65 14.09 1.53
C SER D 139 -14.46 15.18 2.20
N SER D 140 -15.75 15.28 1.89
CA SER D 140 -16.63 16.26 2.54
C SER D 140 -16.86 15.80 3.99
N ILE D 141 -16.83 14.49 4.21
CA ILE D 141 -17.10 13.94 5.58
C ILE D 141 -15.96 14.39 6.51
N GLU D 142 -14.72 14.36 6.03
CA GLU D 142 -13.55 14.80 6.85
C GLU D 142 -13.69 16.28 7.15
N ARG D 143 -14.12 17.08 6.16
CA ARG D 143 -14.37 18.52 6.42
C ARG D 143 -15.52 18.65 7.41
N GLY D 144 -16.40 17.66 7.46
CA GLY D 144 -17.52 17.68 8.42
C GLY D 144 -18.73 18.44 7.91
N SER D 145 -18.57 19.16 6.79
CA SER D 145 -19.68 20.00 6.27
C SER D 145 -20.12 19.53 4.89
N PRO D 146 -21.42 19.17 4.65
CA PRO D 146 -21.88 18.79 3.32
C PRO D 146 -21.85 19.98 2.35
N ILE D 147 -21.64 19.73 1.06
CA ILE D 147 -21.51 20.86 0.09
C ILE D 147 -22.67 20.84 -0.91
N ASP D 148 -23.22 22.01 -1.22
CA ASP D 148 -24.29 22.10 -2.25
C ASP D 148 -23.61 22.22 -3.61
N LEU D 149 -23.85 21.28 -4.51
CA LEU D 149 -23.11 21.28 -5.80
C LEU D 149 -24.06 21.29 -6.99
N PRO D 150 -23.87 22.14 -8.04
CA PRO D 150 -24.71 22.07 -9.22
C PRO D 150 -24.39 20.81 -10.03
N VAL D 151 -25.41 20.11 -10.53
CA VAL D 151 -25.18 18.82 -11.24
C VAL D 151 -24.34 19.10 -12.49
N SER D 152 -24.58 20.21 -13.18
CA SER D 152 -23.86 20.52 -14.45
C SER D 152 -22.43 20.96 -14.17
N GLY D 153 -22.17 21.53 -12.99
CA GLY D 153 -20.84 22.06 -12.70
C GLY D 153 -19.79 20.99 -12.47
N VAL D 154 -20.20 19.79 -12.08
CA VAL D 154 -19.22 18.71 -11.73
C VAL D 154 -18.69 17.95 -12.94
N ILE D 155 -17.70 17.08 -12.73
CA ILE D 155 -17.07 16.31 -13.84
C ILE D 155 -18.11 15.40 -14.52
N PRO D 156 -17.97 14.99 -15.81
CA PRO D 156 -19.01 14.21 -16.50
C PRO D 156 -19.50 12.98 -15.74
N GLY D 157 -18.59 12.26 -15.09
CA GLY D 157 -18.97 11.06 -14.31
C GLY D 157 -19.94 11.41 -13.19
N TRP D 158 -19.68 12.49 -12.47
CA TRP D 158 -20.59 12.93 -11.39
C TRP D 158 -21.93 13.35 -11.99
N VAL D 159 -21.90 14.05 -13.12
CA VAL D 159 -23.17 14.57 -13.72
C VAL D 159 -24.12 13.39 -13.92
N GLU D 160 -23.63 12.33 -14.58
CA GLU D 160 -24.48 11.15 -14.87
C GLU D 160 -24.91 10.48 -13.56
N ALA D 161 -23.96 10.27 -12.65
CA ALA D 161 -24.26 9.56 -11.38
C ALA D 161 -25.31 10.30 -10.56
N LEU D 162 -25.16 11.62 -10.40
CA LEU D 162 -26.11 12.37 -9.53
C LEU D 162 -27.53 12.19 -10.07
N GLN D 163 -27.69 12.16 -11.39
CA GLN D 163 -29.03 12.03 -12.01
C GLN D 163 -29.60 10.63 -11.74
N LEU D 164 -28.76 9.59 -11.72
CA LEU D 164 -29.21 8.20 -11.43
C LEU D 164 -29.55 8.05 -9.94
N MET D 165 -29.01 8.91 -9.09
CA MET D 165 -29.22 8.76 -7.63
C MET D 165 -30.59 9.26 -7.21
N HIS D 166 -31.01 8.92 -5.99
CA HIS D 166 -32.32 9.36 -5.45
C HIS D 166 -32.05 10.06 -4.13
N VAL D 167 -32.97 10.91 -3.66
CA VAL D 167 -32.70 11.68 -2.40
C VAL D 167 -32.66 10.72 -1.22
N GLY D 168 -31.56 10.72 -0.48
CA GLY D 168 -31.41 9.80 0.67
C GLY D 168 -30.59 8.58 0.30
N GLU D 169 -30.32 8.40 -0.99
CA GLU D 169 -29.58 7.20 -1.46
C GLU D 169 -28.09 7.35 -1.15
N LYS D 170 -27.43 6.26 -0.77
CA LYS D 170 -25.97 6.29 -0.59
C LYS D 170 -25.39 5.27 -1.56
N ILE D 171 -24.48 5.69 -2.44
CA ILE D 171 -23.94 4.76 -3.48
C ILE D 171 -22.42 4.90 -3.54
N LYS D 172 -21.75 3.93 -4.12
CA LYS D 172 -20.28 4.04 -4.33
C LYS D 172 -20.05 4.08 -5.84
N LEU D 173 -19.52 5.18 -6.35
CA LEU D 173 -19.36 5.31 -7.82
C LEU D 173 -17.89 5.08 -8.21
N TYR D 174 -17.66 4.19 -9.16
CA TYR D 174 -16.28 3.92 -9.66
C TYR D 174 -16.18 4.62 -11.02
N ILE D 175 -15.69 5.86 -11.03
CA ILE D 175 -15.64 6.67 -12.29
C ILE D 175 -14.39 6.34 -13.10
N PRO D 176 -14.48 5.94 -14.39
CA PRO D 176 -13.29 5.70 -15.21
C PRO D 176 -12.50 6.99 -15.48
N SER D 177 -11.27 6.85 -15.98
CA SER D 177 -10.38 8.02 -16.22
C SER D 177 -11.02 8.98 -17.24
N GLU D 178 -11.60 8.46 -18.31
CA GLU D 178 -12.14 9.33 -19.39
C GLU D 178 -13.25 10.23 -18.84
N LEU D 179 -14.15 9.69 -18.03
CA LEU D 179 -15.30 10.50 -17.53
C LEU D 179 -14.81 11.43 -16.43
N ALA D 180 -13.52 11.36 -16.11
CA ALA D 180 -12.96 12.23 -15.05
C ALA D 180 -11.91 13.16 -15.65
N TYR D 181 -10.84 13.43 -14.91
CA TYR D 181 -9.82 14.42 -15.35
C TYR D 181 -9.01 13.86 -16.52
N GLY D 182 -8.86 12.54 -16.60
CA GLY D 182 -8.16 11.93 -17.75
C GLY D 182 -6.65 12.03 -17.63
N ALA D 183 -5.95 12.05 -18.77
CA ALA D 183 -4.48 12.12 -18.79
C ALA D 183 -4.01 13.42 -18.12
N GLN D 184 -4.72 14.52 -18.37
CA GLN D 184 -4.39 15.77 -17.63
C GLN D 184 -4.58 15.50 -16.15
N SER D 185 -3.59 15.89 -15.33
CA SER D 185 -3.68 15.67 -13.86
C SER D 185 -3.58 17.03 -13.17
N PRO D 186 -4.66 17.84 -13.07
CA PRO D 186 -4.56 19.20 -12.51
C PRO D 186 -4.41 19.19 -10.99
N SER D 187 -4.24 18.01 -10.40
CA SER D 187 -4.07 17.91 -8.93
C SER D 187 -2.93 16.97 -8.61
N PRO D 188 -2.08 17.19 -7.57
CA PRO D 188 -1.06 16.22 -7.21
C PRO D 188 -1.72 14.92 -6.74
N ALA D 189 -2.84 15.05 -6.01
CA ALA D 189 -3.51 13.86 -5.44
C ALA D 189 -4.17 13.04 -6.55
N ILE D 190 -4.52 13.69 -7.67
CA ILE D 190 -5.16 12.99 -8.81
C ILE D 190 -4.12 12.81 -9.91
N PRO D 191 -3.42 11.64 -10.03
CA PRO D 191 -2.38 11.45 -11.04
C PRO D 191 -3.00 11.27 -12.44
N ALA D 192 -2.17 10.97 -13.43
CA ALA D 192 -2.69 10.86 -14.82
C ALA D 192 -3.44 9.54 -15.01
N ASN D 193 -4.46 9.54 -15.88
CA ASN D 193 -5.22 8.30 -16.18
C ASN D 193 -5.58 7.59 -14.87
N SER D 194 -6.40 8.23 -14.03
CA SER D 194 -6.75 7.63 -12.71
C SER D 194 -8.23 7.32 -12.61
N VAL D 195 -8.59 6.21 -11.97
CA VAL D 195 -10.02 5.86 -11.75
C VAL D 195 -10.40 6.44 -10.39
N LEU D 196 -11.47 7.21 -10.34
CA LEU D 196 -11.88 7.88 -9.08
C LEU D 196 -12.95 7.02 -8.40
N VAL D 197 -12.70 6.58 -7.17
CA VAL D 197 -13.72 5.80 -6.41
C VAL D 197 -14.35 6.76 -5.39
N PHE D 198 -15.68 6.87 -5.40
CA PHE D 198 -16.32 7.89 -4.52
C PHE D 198 -17.46 7.27 -3.72
N ASP D 199 -17.55 7.60 -2.43
CA ASP D 199 -18.70 7.15 -1.62
C ASP D 199 -19.60 8.37 -1.49
N MET D 200 -20.72 8.41 -2.22
CA MET D 200 -21.56 9.64 -2.23
C MET D 200 -22.95 9.40 -1.65
N GLU D 201 -23.46 10.38 -0.90
CA GLU D 201 -24.84 10.29 -0.35
C GLU D 201 -25.57 11.58 -0.74
N LEU D 202 -26.74 11.45 -1.39
CA LEU D 202 -27.53 12.63 -1.84
C LEU D 202 -28.45 13.09 -0.71
N LEU D 203 -28.02 14.10 0.04
CA LEU D 203 -28.82 14.53 1.22
C LEU D 203 -30.10 15.27 0.80
N GLY D 204 -30.03 16.11 -0.24
CA GLY D 204 -31.28 16.74 -0.70
C GLY D 204 -31.15 17.47 -2.01
N ILE D 205 -32.27 17.91 -2.59
CA ILE D 205 -32.24 18.73 -3.83
C ILE D 205 -32.66 20.16 -3.46
N LYS D 206 -31.90 21.17 -3.90
CA LYS D 206 -32.19 22.57 -3.49
C LYS D 206 -33.36 23.15 -4.28
#